data_3LM6
#
_entry.id   3LM6
#
_cell.length_a   48.973
_cell.length_b   87.661
_cell.length_c   130.933
_cell.angle_alpha   90.000
_cell.angle_beta   90.000
_cell.angle_gamma   90.000
#
_symmetry.space_group_name_H-M   'P 21 21 21'
#
loop_
_entity.id
_entity.type
_entity.pdbx_description
1 polymer 'Stage V sporulation protein AD'
2 water water
#
_entity_poly.entity_id   1
_entity_poly.type   'polypeptide(L)'
_entity_poly.pdbx_seq_one_letter_code
;(MSE)KLTGKQTWVFEHPIFVNSAGTAAGPKEKDGPLGSLFDKTYDE(MSE)HCNQKSWE(MSE)AERQL(MSE)EDAVN
VALQKNNLTKDDIDLLLAGDLLNQNVTANYVARHLKIPFLC(MSE)FGACSTS(MSE)ETVAVASALVDGGFAKRALAAT
SSHNATAERQFRYPTEYGGQKPDTATSTVTGSGAVVISQTPGDIQITSATVGKVSDLGITDPFD(MSE)GSA(MSE)APA
AADTIKQHFKDLNRTADDYDLILTGDLSGVGSPIVKDILKEDGYPVGTKHDDCGLLIYTPDQQVFAGGSGCACSAVVTYS
HIFKQLREGKLNRVFVVATGALLSPT(MSE)IQQKETIPTIAHGVVFERAGGASLEHHHHHH
;
_entity_poly.pdbx_strand_id   A,B
#
# COMPACT_ATOMS: atom_id res chain seq x y z
N MSE A 1 -10.79 -22.98 2.88
CA MSE A 1 -10.20 -21.61 2.75
C MSE A 1 -10.22 -21.06 1.34
O MSE A 1 -10.34 -21.80 0.36
CB MSE A 1 -8.75 -21.60 3.22
CG MSE A 1 -8.57 -21.59 4.70
SE MSE A 1 -6.74 -21.05 5.04
CE MSE A 1 -5.87 -22.71 4.56
N LYS A 2 -10.09 -19.74 1.25
CA LYS A 2 -10.07 -19.07 -0.03
C LYS A 2 -8.66 -19.14 -0.61
N LEU A 3 -7.66 -19.22 0.27
CA LEU A 3 -6.25 -19.33 -0.13
C LEU A 3 -6.03 -20.71 -0.73
N THR A 4 -5.68 -20.75 -2.01
CA THR A 4 -5.46 -22.02 -2.69
C THR A 4 -4.02 -22.05 -3.10
N GLY A 5 -3.34 -23.15 -2.79
CA GLY A 5 -1.95 -23.22 -3.17
C GLY A 5 -1.10 -22.33 -2.29
N LYS A 6 -0.04 -21.79 -2.88
CA LYS A 6 0.89 -20.94 -2.15
C LYS A 6 0.58 -19.45 -2.10
N GLN A 7 0.15 -18.90 -3.23
CA GLN A 7 -0.10 -17.46 -3.33
C GLN A 7 -1.39 -17.04 -4.04
N THR A 8 -2.34 -17.94 -4.18
CA THR A 8 -3.56 -17.60 -4.91
C THR A 8 -4.88 -17.51 -4.09
N TRP A 9 -5.65 -16.45 -4.33
CA TRP A 9 -6.93 -16.29 -3.65
C TRP A 9 -8.05 -16.64 -4.60
N VAL A 10 -8.91 -17.56 -4.19
CA VAL A 10 -10.06 -17.95 -4.98
C VAL A 10 -11.24 -17.47 -4.17
N PHE A 11 -11.98 -16.50 -4.70
CA PHE A 11 -13.12 -15.94 -4.01
C PHE A 11 -14.34 -16.85 -4.01
N GLU A 12 -15.00 -17.00 -2.85
CA GLU A 12 -16.19 -17.86 -2.75
C GLU A 12 -17.41 -17.21 -3.33
N HIS A 13 -17.62 -15.95 -2.98
CA HIS A 13 -18.75 -15.21 -3.48
C HIS A 13 -18.37 -14.64 -4.84
N PRO A 14 -19.34 -14.61 -5.76
CA PRO A 14 -19.02 -14.06 -7.08
C PRO A 14 -18.69 -12.58 -6.95
N ILE A 15 -17.54 -12.18 -7.48
CA ILE A 15 -17.10 -10.78 -7.43
C ILE A 15 -17.10 -10.23 -8.85
N PHE A 16 -17.75 -9.10 -9.06
CA PHE A 16 -17.82 -8.52 -10.40
C PHE A 16 -17.29 -7.10 -10.50
N VAL A 17 -16.99 -6.69 -11.72
CA VAL A 17 -16.56 -5.33 -12.01
C VAL A 17 -17.83 -4.65 -12.50
N ASN A 18 -18.34 -3.70 -11.72
CA ASN A 18 -19.56 -3.01 -12.08
C ASN A 18 -19.37 -1.90 -13.11
N SER A 19 -18.20 -1.28 -13.08
CA SER A 19 -17.91 -0.23 -14.04
C SER A 19 -16.44 0.09 -14.03
N ALA A 20 -15.97 0.62 -15.15
CA ALA A 20 -14.56 0.98 -15.33
C ALA A 20 -14.44 2.33 -16.00
N GLY A 21 -13.47 3.11 -15.57
CA GLY A 21 -13.24 4.41 -16.17
C GLY A 21 -11.78 4.56 -16.51
N THR A 22 -11.48 5.28 -17.58
CA THR A 22 -10.09 5.49 -17.98
C THR A 22 -9.97 6.86 -18.63
N ALA A 23 -8.83 7.51 -18.38
CA ALA A 23 -8.52 8.81 -18.94
C ALA A 23 -7.06 8.69 -19.38
N ALA A 24 -6.70 9.36 -20.47
CA ALA A 24 -5.33 9.30 -20.96
C ALA A 24 -4.85 10.59 -21.65
N GLY A 25 -3.53 10.73 -21.76
CA GLY A 25 -2.95 11.91 -22.40
C GLY A 25 -2.94 11.87 -23.92
N PRO A 26 -2.29 12.85 -24.59
CA PRO A 26 -2.23 12.90 -26.05
C PRO A 26 -1.59 11.72 -26.77
N LYS A 27 -0.41 11.32 -26.33
CA LYS A 27 0.27 10.20 -26.98
C LYS A 27 -0.58 8.94 -26.91
N GLU A 28 -1.37 8.81 -25.85
CA GLU A 28 -2.23 7.64 -25.70
C GLU A 28 -3.42 7.79 -26.65
N LYS A 29 -4.00 8.98 -26.65
CA LYS A 29 -5.15 9.31 -27.49
C LYS A 29 -4.89 9.03 -28.96
N ASP A 30 -3.67 9.26 -29.42
CA ASP A 30 -3.33 9.03 -30.81
C ASP A 30 -2.85 7.61 -31.06
N GLY A 31 -2.75 6.81 -30.00
CA GLY A 31 -2.32 5.44 -30.17
C GLY A 31 -3.44 4.59 -30.71
N PRO A 32 -3.19 3.29 -30.94
CA PRO A 32 -4.19 2.36 -31.47
C PRO A 32 -5.37 2.04 -30.53
N LEU A 33 -5.35 2.58 -29.31
CA LEU A 33 -6.46 2.34 -28.38
C LEU A 33 -7.10 3.66 -27.96
N GLY A 34 -6.54 4.75 -28.47
CA GLY A 34 -7.02 6.09 -28.16
C GLY A 34 -8.53 6.34 -28.22
N SER A 35 -9.20 5.68 -29.14
CA SER A 35 -10.64 5.84 -29.29
C SER A 35 -11.46 5.10 -28.22
N LEU A 36 -10.79 4.24 -27.44
CA LEU A 36 -11.50 3.48 -26.41
C LEU A 36 -11.48 4.13 -25.03
N PHE A 37 -10.68 5.16 -24.85
CA PHE A 37 -10.62 5.81 -23.54
C PHE A 37 -11.83 6.71 -23.33
N ASP A 38 -12.29 6.79 -22.08
CA ASP A 38 -13.44 7.60 -21.76
C ASP A 38 -13.14 9.08 -21.85
N LYS A 39 -11.93 9.46 -21.45
CA LYS A 39 -11.53 10.85 -21.48
C LYS A 39 -10.08 10.95 -21.96
N THR A 40 -9.81 11.91 -22.83
CA THR A 40 -8.46 12.13 -23.37
C THR A 40 -8.14 13.62 -23.40
N TYR A 41 -6.85 13.92 -23.58
CA TYR A 41 -6.38 15.30 -23.65
C TYR A 41 -5.36 15.46 -24.78
N ASP A 42 -5.26 16.67 -25.32
CA ASP A 42 -4.33 16.93 -26.41
C ASP A 42 -3.02 17.50 -25.87
N GLU A 43 -3.07 18.00 -24.64
CA GLU A 43 -1.92 18.59 -23.97
C GLU A 43 -1.64 17.88 -22.64
N MSE A 44 -0.39 17.48 -22.45
CA MSE A 44 -0.03 16.79 -21.22
C MSE A 44 -0.44 17.51 -19.96
O MSE A 44 -0.56 16.89 -18.90
CB MSE A 44 1.47 16.54 -21.17
CG MSE A 44 1.93 15.33 -21.93
SE MSE A 44 3.63 14.75 -21.22
CE MSE A 44 4.75 16.12 -22.05
N HIS A 45 -0.60 18.82 -20.04
CA HIS A 45 -0.99 19.62 -18.89
C HIS A 45 -2.43 19.30 -18.44
N CYS A 46 -3.20 18.74 -19.36
CA CYS A 46 -4.58 18.38 -19.07
C CYS A 46 -5.32 19.58 -18.45
N ASN A 47 -5.16 20.74 -19.07
CA ASN A 47 -5.79 21.96 -18.59
C ASN A 47 -5.46 22.29 -17.14
N GLN A 48 -4.27 21.90 -16.70
CA GLN A 48 -3.85 22.15 -15.32
C GLN A 48 -2.57 22.99 -15.26
N LYS A 49 -2.35 23.63 -14.12
CA LYS A 49 -1.16 24.48 -13.92
C LYS A 49 0.15 23.72 -13.80
N SER A 50 0.12 22.49 -13.27
CA SER A 50 1.35 21.71 -13.13
C SER A 50 1.18 20.23 -13.47
N TRP A 51 2.30 19.55 -13.65
CA TRP A 51 2.30 18.13 -13.97
C TRP A 51 1.57 17.33 -12.91
N GLU A 52 1.84 17.62 -11.64
CA GLU A 52 1.22 16.92 -10.53
C GLU A 52 -0.29 17.09 -10.57
N MSE A 53 -0.75 18.28 -10.95
CA MSE A 53 -2.16 18.56 -11.03
C MSE A 53 -2.77 17.85 -12.22
O MSE A 53 -3.94 17.50 -12.20
CB MSE A 53 -2.40 20.08 -11.14
CG MSE A 53 -2.03 20.88 -9.89
SE MSE A 53 -2.70 20.11 -8.22
CE MSE A 53 -4.59 20.56 -8.37
N ALA A 54 -1.97 17.64 -13.25
CA ALA A 54 -2.46 16.94 -14.44
C ALA A 54 -2.77 15.49 -14.05
N GLU A 55 -1.82 14.80 -13.43
CA GLU A 55 -2.02 13.41 -13.02
C GLU A 55 -3.26 13.29 -12.13
N ARG A 56 -3.44 14.27 -11.24
CA ARG A 56 -4.58 14.29 -10.35
C ARG A 56 -5.86 14.35 -11.19
N GLN A 57 -5.90 15.25 -12.17
CA GLN A 57 -7.07 15.39 -13.02
C GLN A 57 -7.38 14.09 -13.75
N LEU A 58 -6.32 13.36 -14.10
CA LEU A 58 -6.49 12.10 -14.78
C LEU A 58 -7.22 11.09 -13.87
N MSE A 59 -6.79 11.00 -12.61
CA MSE A 59 -7.43 10.07 -11.68
C MSE A 59 -8.86 10.51 -11.35
O MSE A 59 -9.76 9.69 -11.21
CB MSE A 59 -6.61 9.93 -10.40
CG MSE A 59 -6.74 8.55 -9.79
SE MSE A 59 -5.81 8.40 -8.13
CE MSE A 59 -7.31 8.03 -6.99
N GLU A 60 -9.05 11.82 -11.20
CA GLU A 60 -10.37 12.37 -10.92
C GLU A 60 -11.33 11.91 -12.01
N ASP A 61 -10.90 12.04 -13.27
CA ASP A 61 -11.69 11.64 -14.41
C ASP A 61 -12.05 10.16 -14.40
N ALA A 62 -11.03 9.31 -14.26
CA ALA A 62 -11.28 7.88 -14.23
C ALA A 62 -12.26 7.51 -13.12
N VAL A 63 -12.07 8.07 -11.93
CA VAL A 63 -12.97 7.75 -10.83
C VAL A 63 -14.39 8.22 -11.10
N ASN A 64 -14.53 9.47 -11.53
CA ASN A 64 -15.86 9.99 -11.78
C ASN A 64 -16.56 9.28 -12.92
N VAL A 65 -15.84 8.99 -14.01
CA VAL A 65 -16.48 8.33 -15.12
C VAL A 65 -16.92 6.92 -14.71
N ALA A 66 -16.13 6.27 -13.86
CA ALA A 66 -16.48 4.93 -13.41
C ALA A 66 -17.71 5.00 -12.53
N LEU A 67 -17.75 5.98 -11.64
CA LEU A 67 -18.90 6.15 -10.75
C LEU A 67 -20.15 6.54 -11.54
N GLN A 68 -19.96 7.38 -12.55
CA GLN A 68 -21.06 7.82 -13.39
C GLN A 68 -21.74 6.69 -14.13
N LYS A 69 -20.95 5.82 -14.75
CA LYS A 69 -21.50 4.70 -15.52
C LYS A 69 -22.42 3.79 -14.73
N ASN A 70 -22.09 3.52 -13.47
CA ASN A 70 -22.89 2.64 -12.62
C ASN A 70 -23.89 3.44 -11.78
N ASN A 71 -24.09 4.70 -12.16
CA ASN A 71 -25.01 5.57 -11.45
C ASN A 71 -24.72 5.60 -9.94
N LEU A 72 -23.45 5.79 -9.61
CA LEU A 72 -23.00 5.83 -8.23
C LEU A 72 -22.39 7.16 -7.84
N THR A 73 -22.30 7.36 -6.54
CA THR A 73 -21.70 8.58 -6.00
C THR A 73 -20.63 8.14 -4.99
N LYS A 74 -19.71 9.04 -4.66
CA LYS A 74 -18.65 8.71 -3.72
C LYS A 74 -19.23 8.14 -2.41
N ASP A 75 -20.46 8.49 -2.10
CA ASP A 75 -21.07 7.99 -0.88
C ASP A 75 -21.52 6.53 -1.02
N ASP A 76 -21.51 6.00 -2.23
CA ASP A 76 -21.91 4.62 -2.44
C ASP A 76 -20.69 3.68 -2.33
N ILE A 77 -19.55 4.26 -2.00
CA ILE A 77 -18.33 3.47 -1.88
C ILE A 77 -17.90 3.35 -0.42
N ASP A 78 -17.48 2.14 -0.02
CA ASP A 78 -17.04 1.90 1.34
C ASP A 78 -15.52 1.94 1.49
N LEU A 79 -14.81 1.52 0.45
CA LEU A 79 -13.34 1.50 0.48
C LEU A 79 -12.75 2.01 -0.81
N LEU A 80 -11.63 2.70 -0.67
CA LEU A 80 -10.91 3.27 -1.79
C LEU A 80 -9.47 2.77 -1.70
N LEU A 81 -9.06 2.00 -2.71
CA LEU A 81 -7.72 1.45 -2.79
C LEU A 81 -7.05 2.01 -4.04
N ALA A 82 -6.10 2.91 -3.84
CA ALA A 82 -5.37 3.56 -4.93
C ALA A 82 -3.91 3.78 -4.56
N GLY A 83 -3.10 4.02 -5.60
CA GLY A 83 -1.69 4.26 -5.45
C GLY A 83 -1.11 4.76 -6.75
N ASP A 84 -0.02 5.52 -6.66
CA ASP A 84 0.66 6.08 -7.83
C ASP A 84 2.15 5.85 -7.65
N LEU A 85 2.93 6.01 -8.71
CA LEU A 85 4.36 5.77 -8.61
C LEU A 85 5.20 6.91 -8.03
N LEU A 86 4.64 8.12 -7.95
CA LEU A 86 5.41 9.22 -7.38
C LEU A 86 5.40 9.14 -5.84
N ASN A 87 6.55 9.40 -5.25
CA ASN A 87 6.71 9.33 -3.80
C ASN A 87 5.64 10.00 -2.95
N GLN A 88 5.33 9.35 -1.83
CA GLN A 88 4.34 9.80 -0.88
C GLN A 88 2.92 9.61 -1.42
N ASN A 89 2.81 9.10 -2.65
CA ASN A 89 1.51 8.87 -3.25
C ASN A 89 0.62 10.11 -3.21
N VAL A 90 1.19 11.25 -3.62
CA VAL A 90 0.48 12.51 -3.64
C VAL A 90 -0.86 12.44 -4.38
N THR A 91 -0.84 11.90 -5.59
CA THR A 91 -2.05 11.79 -6.39
C THR A 91 -3.20 11.14 -5.64
N ALA A 92 -3.01 9.90 -5.20
CA ALA A 92 -4.05 9.18 -4.49
C ALA A 92 -4.53 9.88 -3.22
N ASN A 93 -3.58 10.33 -2.39
CA ASN A 93 -3.94 11.00 -1.15
C ASN A 93 -4.83 12.21 -1.36
N TYR A 94 -4.48 13.06 -2.33
CA TYR A 94 -5.28 14.24 -2.58
C TYR A 94 -6.63 13.92 -3.19
N VAL A 95 -6.68 12.92 -4.06
CA VAL A 95 -7.94 12.52 -4.67
C VAL A 95 -8.82 11.94 -3.56
N ALA A 96 -8.21 11.18 -2.66
CA ALA A 96 -8.93 10.59 -1.53
C ALA A 96 -9.47 11.69 -0.62
N ARG A 97 -8.73 12.78 -0.51
CA ARG A 97 -9.19 13.89 0.33
C ARG A 97 -10.53 14.36 -0.19
N HIS A 98 -10.66 14.34 -1.52
CA HIS A 98 -11.87 14.77 -2.18
C HIS A 98 -13.01 13.76 -2.12
N LEU A 99 -12.69 12.48 -2.26
CA LEU A 99 -13.71 11.45 -2.21
C LEU A 99 -14.22 11.21 -0.78
N LYS A 100 -13.39 11.49 0.20
CA LYS A 100 -13.76 11.29 1.61
C LYS A 100 -14.21 9.85 1.90
N ILE A 101 -13.72 8.91 1.10
CA ILE A 101 -14.03 7.48 1.24
C ILE A 101 -12.88 6.86 2.04
N PRO A 102 -13.20 5.98 3.02
CA PRO A 102 -12.18 5.30 3.84
C PRO A 102 -11.09 4.86 2.88
N PHE A 103 -9.89 5.41 3.08
CA PHE A 103 -8.75 5.19 2.21
C PHE A 103 -7.65 4.21 2.66
N LEU A 104 -7.26 3.31 1.75
CA LEU A 104 -6.19 2.35 1.99
C LEU A 104 -5.17 2.57 0.90
N CYS A 105 -4.14 3.36 1.19
CA CYS A 105 -3.11 3.67 0.21
C CYS A 105 -2.21 2.47 -0.08
N MSE A 106 -2.20 2.08 -1.35
CA MSE A 106 -1.44 0.93 -1.85
C MSE A 106 -0.26 1.41 -2.68
O MSE A 106 -0.26 2.54 -3.19
CB MSE A 106 -2.32 0.09 -2.75
CG MSE A 106 -2.23 -1.40 -2.56
SE MSE A 106 -3.29 -1.97 -1.07
CE MSE A 106 -5.03 -1.38 -1.71
N PHE A 107 0.72 0.55 -2.86
CA PHE A 107 1.88 0.91 -3.67
C PHE A 107 2.75 -0.28 -3.99
N GLY A 108 2.86 -0.62 -5.27
CA GLY A 108 3.69 -1.74 -5.67
C GLY A 108 4.33 -1.44 -7.01
N ALA A 109 4.74 -0.18 -7.19
CA ALA A 109 5.33 0.30 -8.43
C ALA A 109 4.26 0.15 -9.50
N CYS A 110 4.65 -0.35 -10.67
CA CYS A 110 3.71 -0.51 -11.75
C CYS A 110 2.85 -1.77 -11.64
N SER A 111 2.78 -2.34 -10.44
CA SER A 111 1.96 -3.53 -10.24
C SER A 111 0.79 -3.12 -9.36
N THR A 112 0.75 -1.84 -8.98
CA THR A 112 -0.32 -1.29 -8.13
C THR A 112 -1.67 -1.56 -8.74
N SER A 113 -1.72 -1.51 -10.06
CA SER A 113 -2.92 -1.76 -10.80
C SER A 113 -3.66 -2.99 -10.27
N MSE A 114 -3.00 -4.14 -10.32
CA MSE A 114 -3.60 -5.39 -9.87
C MSE A 114 -3.58 -5.61 -8.37
O MSE A 114 -4.37 -6.39 -7.84
CB MSE A 114 -2.95 -6.58 -10.58
CG MSE A 114 -3.18 -6.55 -12.08
SE MSE A 114 -5.12 -6.54 -12.51
CE MSE A 114 -5.31 -4.67 -13.02
N GLU A 115 -2.69 -4.90 -7.69
CA GLU A 115 -2.59 -5.04 -6.24
C GLU A 115 -3.88 -4.51 -5.64
N THR A 116 -4.23 -3.29 -6.02
CA THR A 116 -5.44 -2.65 -5.55
C THR A 116 -6.68 -3.46 -5.88
N VAL A 117 -6.71 -4.05 -7.09
CA VAL A 117 -7.88 -4.84 -7.47
C VAL A 117 -7.95 -6.18 -6.73
N ALA A 118 -6.81 -6.79 -6.48
CA ALA A 118 -6.77 -8.06 -5.79
C ALA A 118 -7.20 -7.93 -4.33
N VAL A 119 -6.65 -6.95 -3.65
CA VAL A 119 -7.00 -6.80 -2.25
C VAL A 119 -8.42 -6.26 -2.14
N ALA A 120 -8.82 -5.40 -3.07
CA ALA A 120 -10.18 -4.88 -3.04
C ALA A 120 -11.16 -6.03 -3.21
N SER A 121 -10.84 -6.95 -4.11
CA SER A 121 -11.72 -8.09 -4.32
C SER A 121 -11.82 -8.89 -3.04
N ALA A 122 -10.67 -9.09 -2.38
CA ALA A 122 -10.65 -9.88 -1.15
C ALA A 122 -11.46 -9.23 -0.02
N LEU A 123 -11.41 -7.90 0.06
CA LEU A 123 -12.14 -7.21 1.11
C LEU A 123 -13.63 -7.22 0.83
N VAL A 124 -14.02 -7.26 -0.45
CA VAL A 124 -15.45 -7.31 -0.82
C VAL A 124 -15.97 -8.74 -0.66
N ASP A 125 -15.09 -9.71 -0.89
CA ASP A 125 -15.49 -11.10 -0.75
C ASP A 125 -15.54 -11.49 0.72
N GLY A 126 -14.70 -10.85 1.52
CA GLY A 126 -14.65 -11.14 2.93
C GLY A 126 -15.73 -10.38 3.68
N GLY A 127 -16.44 -9.50 2.98
CA GLY A 127 -17.52 -8.74 3.62
C GLY A 127 -17.10 -7.53 4.43
N PHE A 128 -15.98 -6.94 4.06
CA PHE A 128 -15.49 -5.78 4.76
C PHE A 128 -15.91 -4.52 4.02
N ALA A 129 -16.41 -4.70 2.81
CA ALA A 129 -16.85 -3.60 2.00
C ALA A 129 -17.93 -4.05 1.02
N LYS A 130 -18.99 -3.28 0.90
CA LYS A 130 -20.06 -3.64 -0.01
C LYS A 130 -19.64 -3.24 -1.42
N ARG A 131 -19.00 -2.08 -1.52
CA ARG A 131 -18.55 -1.56 -2.79
C ARG A 131 -17.14 -1.02 -2.61
N ALA A 132 -16.23 -1.41 -3.49
CA ALA A 132 -14.85 -0.94 -3.39
C ALA A 132 -14.45 -0.26 -4.69
N LEU A 133 -13.56 0.72 -4.58
CA LEU A 133 -13.09 1.45 -5.74
C LEU A 133 -11.58 1.35 -5.81
N ALA A 134 -11.07 0.74 -6.89
CA ALA A 134 -9.62 0.60 -7.07
C ALA A 134 -9.19 1.49 -8.23
N ALA A 135 -8.16 2.31 -8.01
CA ALA A 135 -7.67 3.23 -9.04
C ALA A 135 -6.15 3.37 -9.04
N THR A 136 -5.61 3.84 -10.17
CA THR A 136 -4.17 4.04 -10.34
C THR A 136 -3.97 5.07 -11.42
N SER A 137 -2.82 5.73 -11.40
CA SER A 137 -2.54 6.75 -12.39
C SER A 137 -1.05 6.84 -12.65
N SER A 138 -0.70 7.52 -13.73
CA SER A 138 0.70 7.67 -14.10
C SER A 138 0.81 8.84 -15.06
N HIS A 139 1.90 9.59 -14.99
CA HIS A 139 2.09 10.74 -15.87
C HIS A 139 3.53 10.80 -16.35
N ASN A 140 3.73 10.86 -17.66
CA ASN A 140 5.07 10.89 -18.25
C ASN A 140 6.04 11.88 -17.66
N ALA A 141 5.57 13.10 -17.45
CA ALA A 141 6.40 14.17 -16.90
C ALA A 141 6.63 14.08 -15.39
N THR A 142 5.62 13.66 -14.62
CA THR A 142 5.84 13.57 -13.17
C THR A 142 6.92 12.54 -12.86
N ALA A 143 6.82 11.38 -13.52
CA ALA A 143 7.77 10.29 -13.33
C ALA A 143 9.17 10.66 -13.83
N GLU A 144 9.26 11.70 -14.66
CA GLU A 144 10.53 12.12 -15.22
C GLU A 144 11.35 13.00 -14.28
N ARG A 145 10.67 13.71 -13.38
CA ARG A 145 11.31 14.57 -12.40
C ARG A 145 11.90 13.71 -11.28
N GLN A 146 11.42 12.47 -11.20
CA GLN A 146 11.89 11.54 -10.20
C GLN A 146 13.08 10.76 -10.72
N PHE A 147 12.98 10.31 -11.97
CA PHE A 147 14.04 9.54 -12.61
C PHE A 147 14.09 9.83 -14.10
N ARG A 148 15.29 10.06 -14.65
CA ARG A 148 15.45 10.33 -16.07
C ARG A 148 16.85 10.03 -16.60
N TYR A 149 16.95 9.77 -17.89
CA TYR A 149 18.24 9.45 -18.50
C TYR A 149 19.14 10.68 -18.58
N PRO A 150 20.26 10.65 -17.85
CA PRO A 150 21.20 11.79 -17.84
C PRO A 150 21.86 12.11 -19.18
N THR A 151 21.12 12.83 -20.01
CA THR A 151 21.60 13.24 -21.34
C THR A 151 22.84 14.14 -21.28
N GLU A 152 22.97 14.88 -20.18
CA GLU A 152 24.09 15.79 -20.00
C GLU A 152 25.45 15.10 -20.18
N TYR A 153 25.47 13.77 -20.13
CA TYR A 153 26.73 13.09 -20.30
C TYR A 153 27.01 12.69 -21.74
N GLY A 154 26.18 13.14 -22.67
CA GLY A 154 26.41 12.81 -24.07
C GLY A 154 25.89 11.45 -24.51
N GLY A 155 25.79 10.50 -23.60
CA GLY A 155 25.30 9.19 -23.98
C GLY A 155 23.89 9.27 -24.53
N GLN A 156 23.41 8.19 -25.12
CA GLN A 156 22.06 8.19 -25.66
C GLN A 156 21.20 7.16 -24.95
N LYS A 157 19.92 7.48 -24.76
CA LYS A 157 18.98 6.60 -24.10
C LYS A 157 18.88 5.32 -24.93
N PRO A 158 19.20 4.16 -24.31
CA PRO A 158 19.16 2.86 -25.00
C PRO A 158 17.77 2.35 -25.42
N ASP A 159 17.75 1.45 -26.40
CA ASP A 159 16.48 0.91 -26.90
C ASP A 159 15.78 0.11 -25.82
N THR A 160 16.54 -0.31 -24.84
CA THR A 160 16.03 -1.09 -23.73
C THR A 160 15.11 -0.21 -22.87
N ALA A 161 15.26 1.09 -23.01
CA ALA A 161 14.46 2.06 -22.27
C ALA A 161 12.98 1.94 -22.61
N THR A 162 12.16 2.54 -21.76
CA THR A 162 10.73 2.52 -21.95
C THR A 162 10.16 3.94 -21.75
N SER A 163 8.86 4.11 -21.95
CA SER A 163 8.24 5.43 -21.78
C SER A 163 6.96 5.34 -20.95
N THR A 164 6.97 6.03 -19.82
CA THR A 164 5.82 6.04 -18.91
C THR A 164 4.53 6.50 -19.58
N VAL A 165 3.46 5.75 -19.33
CA VAL A 165 2.16 6.10 -19.89
C VAL A 165 1.50 7.18 -19.05
N THR A 166 0.82 8.09 -19.73
CA THR A 166 0.14 9.20 -19.09
C THR A 166 -1.33 8.89 -19.08
N GLY A 167 -1.86 8.52 -17.93
CA GLY A 167 -3.27 8.22 -17.83
C GLY A 167 -3.66 7.66 -16.48
N SER A 168 -4.89 7.21 -16.38
CA SER A 168 -5.40 6.66 -15.15
C SER A 168 -6.59 5.76 -15.38
N GLY A 169 -6.69 4.72 -14.56
CA GLY A 169 -7.80 3.78 -14.65
C GLY A 169 -8.42 3.52 -13.30
N ALA A 170 -9.75 3.41 -13.25
CA ALA A 170 -10.43 3.12 -12.00
C ALA A 170 -11.53 2.11 -12.22
N VAL A 171 -11.74 1.27 -11.23
CA VAL A 171 -12.77 0.26 -11.35
C VAL A 171 -13.60 0.16 -10.05
N VAL A 172 -14.86 -0.24 -10.20
CA VAL A 172 -15.76 -0.40 -9.07
C VAL A 172 -16.00 -1.90 -8.89
N ILE A 173 -15.79 -2.38 -7.68
CA ILE A 173 -15.94 -3.79 -7.40
C ILE A 173 -16.99 -4.05 -6.32
N SER A 174 -17.79 -5.08 -6.51
CA SER A 174 -18.83 -5.46 -5.56
C SER A 174 -19.37 -6.81 -5.90
N GLN A 175 -20.29 -7.28 -5.06
CA GLN A 175 -20.93 -8.58 -5.25
C GLN A 175 -22.18 -8.49 -6.14
N THR A 176 -22.45 -7.29 -6.63
CA THR A 176 -23.58 -7.06 -7.52
C THR A 176 -23.16 -7.46 -8.93
N PRO A 177 -23.97 -8.31 -9.58
CA PRO A 177 -23.75 -8.83 -10.93
C PRO A 177 -23.31 -7.79 -11.95
N GLY A 178 -22.36 -8.19 -12.78
CA GLY A 178 -21.83 -7.33 -13.81
C GLY A 178 -21.43 -8.16 -15.02
N ASP A 179 -20.87 -7.49 -16.02
CA ASP A 179 -20.46 -8.14 -17.24
C ASP A 179 -19.18 -8.92 -17.02
N ILE A 180 -18.24 -8.32 -16.29
CA ILE A 180 -16.96 -8.97 -16.00
C ILE A 180 -16.89 -9.52 -14.59
N GLN A 181 -16.31 -10.69 -14.41
CA GLN A 181 -16.23 -11.29 -13.10
C GLN A 181 -14.79 -11.60 -12.68
N ILE A 182 -14.44 -11.25 -11.44
CA ILE A 182 -13.09 -11.49 -10.92
C ILE A 182 -13.14 -12.81 -10.15
N THR A 183 -12.45 -13.82 -10.64
CA THR A 183 -12.50 -15.13 -10.01
C THR A 183 -11.32 -15.55 -9.13
N SER A 184 -10.15 -15.01 -9.39
CA SER A 184 -9.00 -15.35 -8.58
C SER A 184 -7.93 -14.30 -8.74
N ALA A 185 -6.99 -14.32 -7.82
CA ALA A 185 -5.90 -13.37 -7.83
C ALA A 185 -4.68 -14.06 -7.25
N THR A 186 -3.52 -13.71 -7.76
CA THR A 186 -2.30 -14.28 -7.24
C THR A 186 -1.40 -13.16 -6.74
N VAL A 187 -1.06 -13.20 -5.46
CA VAL A 187 -0.18 -12.21 -4.88
C VAL A 187 1.24 -12.70 -5.11
N GLY A 188 2.06 -11.83 -5.69
CA GLY A 188 3.43 -12.20 -5.99
C GLY A 188 4.42 -11.95 -4.89
N LYS A 189 5.60 -12.54 -5.04
CA LYS A 189 6.65 -12.37 -4.06
C LYS A 189 7.81 -11.66 -4.76
N VAL A 190 8.65 -11.00 -3.98
CA VAL A 190 9.77 -10.26 -4.53
C VAL A 190 10.82 -11.18 -5.18
N SER A 191 11.25 -10.78 -6.36
CA SER A 191 12.24 -11.53 -7.13
C SER A 191 13.45 -10.65 -7.41
N ASP A 192 14.63 -11.25 -7.37
CA ASP A 192 15.85 -10.50 -7.64
C ASP A 192 16.92 -11.45 -8.17
N LEU A 193 17.09 -11.48 -9.48
CA LEU A 193 18.10 -12.36 -10.07
C LEU A 193 19.47 -11.71 -10.06
N GLY A 194 19.50 -10.40 -9.80
CA GLY A 194 20.78 -9.71 -9.75
C GLY A 194 20.92 -8.56 -10.69
N ILE A 195 19.85 -8.21 -11.40
CA ILE A 195 19.93 -7.08 -12.32
C ILE A 195 20.25 -5.80 -11.57
N THR A 196 21.13 -5.01 -12.15
CA THR A 196 21.55 -3.77 -11.54
C THR A 196 21.37 -2.58 -12.48
N ASP A 197 21.33 -2.85 -13.78
CA ASP A 197 21.15 -1.78 -14.77
C ASP A 197 19.74 -1.19 -14.72
N PRO A 198 19.62 0.05 -14.22
CA PRO A 198 18.35 0.75 -14.09
C PRO A 198 17.69 1.17 -15.39
N PHE A 199 18.17 0.66 -16.53
CA PHE A 199 17.56 1.01 -17.80
C PHE A 199 17.02 -0.19 -18.56
N ASP A 200 17.08 -1.37 -17.97
CA ASP A 200 16.55 -2.58 -18.61
C ASP A 200 15.58 -3.23 -17.65
N MSE A 201 14.44 -2.58 -17.46
CA MSE A 201 13.39 -3.04 -16.56
C MSE A 201 12.73 -4.31 -17.08
O MSE A 201 12.36 -5.18 -16.29
CB MSE A 201 12.36 -1.93 -16.38
CG MSE A 201 12.12 -1.52 -14.93
SE MSE A 201 13.76 -1.18 -13.98
CE MSE A 201 14.11 0.61 -14.61
N GLY A 202 12.58 -4.40 -18.40
CA GLY A 202 11.96 -5.57 -18.99
C GLY A 202 12.63 -6.85 -18.54
N SER A 203 13.95 -6.90 -18.64
CA SER A 203 14.71 -8.09 -18.24
C SER A 203 14.72 -8.29 -16.73
N ALA A 204 14.54 -7.20 -15.99
CA ALA A 204 14.54 -7.27 -14.53
C ALA A 204 13.19 -7.78 -13.99
N MSE A 205 12.10 -7.36 -14.62
CA MSE A 205 10.75 -7.75 -14.21
C MSE A 205 10.30 -9.08 -14.79
O MSE A 205 9.39 -9.73 -14.25
CB MSE A 205 9.75 -6.66 -14.58
CG MSE A 205 10.06 -5.31 -13.96
SE MSE A 205 8.71 -3.99 -14.36
CE MSE A 205 8.75 -4.13 -16.30
N ALA A 206 10.90 -9.49 -15.90
CA ALA A 206 10.53 -10.77 -16.52
C ALA A 206 10.43 -11.91 -15.50
N PRO A 207 11.50 -12.15 -14.73
CA PRO A 207 11.47 -13.25 -13.74
C PRO A 207 10.28 -13.16 -12.78
N ALA A 208 9.97 -11.95 -12.31
CA ALA A 208 8.85 -11.76 -11.39
C ALA A 208 7.53 -12.19 -12.01
N ALA A 209 7.31 -11.82 -13.26
CA ALA A 209 6.07 -12.19 -13.95
C ALA A 209 6.03 -13.71 -14.14
N ALA A 210 7.15 -14.29 -14.56
CA ALA A 210 7.18 -15.73 -14.78
C ALA A 210 6.91 -16.49 -13.48
N ASP A 211 7.48 -16.00 -12.38
CA ASP A 211 7.31 -16.65 -11.09
C ASP A 211 5.84 -16.68 -10.73
N THR A 212 5.22 -15.50 -10.72
CA THR A 212 3.81 -15.37 -10.39
C THR A 212 2.91 -16.20 -11.33
N ILE A 213 3.21 -16.16 -12.63
CA ILE A 213 2.41 -16.94 -13.59
C ILE A 213 2.56 -18.44 -13.30
N LYS A 214 3.78 -18.88 -13.05
CA LYS A 214 4.05 -20.29 -12.75
C LYS A 214 3.38 -20.73 -11.45
N GLN A 215 3.48 -19.91 -10.40
CA GLN A 215 2.86 -20.28 -9.13
C GLN A 215 1.34 -20.31 -9.25
N HIS A 216 0.81 -19.45 -10.10
CA HIS A 216 -0.62 -19.38 -10.32
C HIS A 216 -1.14 -20.68 -11.00
N PHE A 217 -0.44 -21.13 -12.03
CA PHE A 217 -0.82 -22.35 -12.72
C PHE A 217 -0.80 -23.52 -11.72
N LYS A 218 0.28 -23.65 -10.98
CA LYS A 218 0.43 -24.74 -10.02
C LYS A 218 -0.64 -24.72 -8.92
N ASP A 219 -0.93 -23.53 -8.40
CA ASP A 219 -1.92 -23.35 -7.34
C ASP A 219 -3.32 -23.79 -7.75
N LEU A 220 -3.69 -23.51 -9.00
CA LEU A 220 -5.02 -23.88 -9.49
C LEU A 220 -4.99 -25.08 -10.41
N ASN A 221 -3.84 -25.75 -10.48
CA ASN A 221 -3.68 -26.91 -11.35
C ASN A 221 -4.17 -26.55 -12.75
N ARG A 222 -3.68 -25.43 -13.28
CA ARG A 222 -4.06 -24.97 -14.60
C ARG A 222 -2.85 -24.82 -15.49
N THR A 223 -3.08 -24.53 -16.78
CA THR A 223 -2.01 -24.29 -17.74
C THR A 223 -2.39 -23.13 -18.64
N ALA A 224 -1.60 -22.86 -19.66
CA ALA A 224 -1.90 -21.78 -20.59
C ALA A 224 -3.16 -22.10 -21.36
N ASP A 225 -3.51 -23.39 -21.42
CA ASP A 225 -4.70 -23.78 -22.16
C ASP A 225 -5.98 -23.32 -21.49
N ASP A 226 -5.90 -23.00 -20.20
CA ASP A 226 -7.06 -22.57 -19.44
C ASP A 226 -7.38 -21.09 -19.61
N TYR A 227 -6.56 -20.39 -20.40
CA TYR A 227 -6.75 -18.96 -20.66
C TYR A 227 -6.74 -18.62 -22.14
N ASP A 228 -7.47 -17.57 -22.50
CA ASP A 228 -7.49 -17.13 -23.88
C ASP A 228 -6.37 -16.09 -24.04
N LEU A 229 -5.90 -15.57 -22.91
CA LEU A 229 -4.87 -14.56 -22.94
C LEU A 229 -4.18 -14.41 -21.59
N ILE A 230 -2.85 -14.29 -21.62
CA ILE A 230 -2.07 -14.05 -20.41
C ILE A 230 -1.49 -12.67 -20.66
N LEU A 231 -2.08 -11.65 -20.04
CA LEU A 231 -1.61 -10.29 -20.26
C LEU A 231 -0.63 -9.83 -19.19
N THR A 232 0.52 -9.31 -19.61
CA THR A 232 1.52 -8.81 -18.66
C THR A 232 1.51 -7.30 -18.67
N GLY A 233 1.83 -6.73 -17.50
CA GLY A 233 1.83 -5.29 -17.31
C GLY A 233 2.64 -4.46 -18.28
N ASP A 234 3.95 -4.42 -18.09
CA ASP A 234 4.79 -3.66 -18.98
C ASP A 234 6.18 -4.23 -19.18
N LEU A 235 6.23 -5.50 -19.57
CA LEU A 235 7.49 -6.15 -19.85
C LEU A 235 8.03 -5.53 -21.13
N SER A 236 7.12 -5.08 -22.00
CA SER A 236 7.49 -4.44 -23.26
C SER A 236 8.36 -5.26 -24.20
N GLY A 237 9.04 -4.58 -25.11
CA GLY A 237 9.87 -5.25 -26.08
C GLY A 237 10.90 -6.21 -25.52
N VAL A 238 11.60 -5.80 -24.48
CA VAL A 238 12.64 -6.63 -23.89
C VAL A 238 12.15 -7.79 -23.02
N GLY A 239 11.24 -7.49 -22.10
CA GLY A 239 10.72 -8.51 -21.19
C GLY A 239 9.77 -9.55 -21.76
N SER A 240 8.96 -9.17 -22.73
CA SER A 240 8.01 -10.12 -23.31
C SER A 240 8.65 -11.40 -23.81
N PRO A 241 9.70 -11.28 -24.63
CA PRO A 241 10.31 -12.52 -25.10
C PRO A 241 10.95 -13.31 -23.95
N ILE A 242 11.58 -12.60 -23.03
CA ILE A 242 12.22 -13.24 -21.88
C ILE A 242 11.26 -14.02 -20.99
N VAL A 243 10.06 -13.47 -20.77
CA VAL A 243 9.08 -14.15 -19.93
C VAL A 243 8.54 -15.39 -20.62
N LYS A 244 8.42 -15.33 -21.94
CA LYS A 244 7.92 -16.49 -22.68
C LYS A 244 8.93 -17.62 -22.66
N ASP A 245 10.21 -17.28 -22.55
CA ASP A 245 11.26 -18.30 -22.53
C ASP A 245 11.31 -18.97 -21.17
N ILE A 246 11.33 -18.15 -20.12
CA ILE A 246 11.37 -18.66 -18.77
C ILE A 246 10.17 -19.58 -18.56
N LEU A 247 8.99 -19.14 -18.99
CA LEU A 247 7.81 -19.99 -18.83
C LEU A 247 7.94 -21.32 -19.57
N LYS A 248 8.53 -21.28 -20.76
CA LYS A 248 8.70 -22.49 -21.56
C LYS A 248 9.72 -23.42 -20.93
N GLU A 249 10.78 -22.83 -20.39
CA GLU A 249 11.84 -23.56 -19.74
C GLU A 249 11.38 -24.13 -18.40
N ASP A 250 10.19 -23.71 -17.96
CA ASP A 250 9.65 -24.19 -16.69
C ASP A 250 8.54 -25.21 -16.93
N GLY A 251 8.29 -25.51 -18.20
CA GLY A 251 7.26 -26.47 -18.54
C GLY A 251 5.86 -25.87 -18.56
N TYR A 252 5.78 -24.55 -18.65
CA TYR A 252 4.50 -23.85 -18.68
C TYR A 252 4.52 -22.85 -19.82
N PRO A 253 4.72 -23.34 -21.06
CA PRO A 253 4.76 -22.46 -22.23
C PRO A 253 3.46 -21.66 -22.40
N VAL A 254 3.60 -20.35 -22.60
CA VAL A 254 2.43 -19.51 -22.79
C VAL A 254 2.17 -19.41 -24.28
N GLY A 255 3.17 -19.76 -25.07
CA GLY A 255 3.03 -19.72 -26.51
C GLY A 255 2.53 -18.41 -27.06
N THR A 256 1.49 -18.48 -27.88
CA THR A 256 0.96 -17.28 -28.48
C THR A 256 -0.19 -16.63 -27.71
N LYS A 257 -0.43 -17.15 -26.51
CA LYS A 257 -1.51 -16.62 -25.69
C LYS A 257 -1.04 -15.42 -24.86
N HIS A 258 0.23 -15.08 -25.00
CA HIS A 258 0.80 -13.97 -24.27
C HIS A 258 0.80 -12.66 -25.04
N ASP A 259 0.70 -11.57 -24.30
CA ASP A 259 0.75 -10.24 -24.88
C ASP A 259 1.07 -9.25 -23.77
N ASP A 260 1.48 -8.04 -24.14
CA ASP A 260 1.83 -7.05 -23.13
C ASP A 260 1.19 -5.68 -23.38
N CYS A 261 0.67 -5.08 -22.33
CA CYS A 261 0.01 -3.77 -22.42
C CYS A 261 0.90 -2.69 -23.02
N GLY A 262 2.19 -2.74 -22.69
CA GLY A 262 3.14 -1.78 -23.20
C GLY A 262 3.34 -1.90 -24.69
N LEU A 263 2.90 -3.02 -25.26
CA LEU A 263 3.02 -3.25 -26.68
C LEU A 263 1.71 -2.93 -27.36
N LEU A 264 0.63 -2.86 -26.58
CA LEU A 264 -0.69 -2.58 -27.13
C LEU A 264 -1.08 -1.12 -27.04
N ILE A 265 -0.56 -0.41 -26.04
CA ILE A 265 -0.86 1.01 -25.79
C ILE A 265 -0.37 1.94 -26.90
N TYR A 266 0.83 1.69 -27.42
CA TYR A 266 1.38 2.52 -28.49
C TYR A 266 1.70 1.71 -29.75
N THR A 267 2.09 2.42 -30.80
CA THR A 267 2.46 1.82 -32.07
C THR A 267 3.92 2.16 -32.35
N PRO A 268 4.66 1.20 -32.91
CA PRO A 268 6.08 1.45 -33.21
C PRO A 268 6.21 2.52 -34.30
N ASP A 269 5.84 3.74 -33.96
CA ASP A 269 5.90 4.87 -34.89
C ASP A 269 5.76 6.12 -34.05
N GLN A 270 5.42 5.94 -32.78
CA GLN A 270 5.23 7.04 -31.85
C GLN A 270 6.47 7.24 -30.99
N GLN A 271 7.59 6.73 -31.49
CA GLN A 271 8.88 6.80 -30.80
C GLN A 271 8.76 6.60 -29.28
N VAL A 272 8.42 5.37 -28.90
CA VAL A 272 8.27 5.01 -27.49
C VAL A 272 9.26 3.91 -27.10
N PHE A 273 10.38 3.86 -27.81
CA PHE A 273 11.43 2.89 -27.55
C PHE A 273 10.92 1.45 -27.44
N ALA A 274 11.21 0.78 -26.32
CA ALA A 274 10.80 -0.61 -26.13
C ALA A 274 9.29 -0.82 -25.98
N GLY A 275 8.60 0.16 -25.39
CA GLY A 275 7.16 0.05 -25.21
C GLY A 275 6.71 0.89 -24.02
N GLY A 276 5.43 0.77 -23.65
CA GLY A 276 4.90 1.56 -22.55
C GLY A 276 5.18 1.04 -21.16
N SER A 277 5.07 1.93 -20.18
CA SER A 277 5.29 1.57 -18.79
C SER A 277 4.47 2.44 -17.88
N GLY A 278 4.63 2.23 -16.57
CA GLY A 278 3.91 3.02 -15.61
C GLY A 278 2.68 2.35 -15.06
N CYS A 279 2.27 2.77 -13.88
CA CYS A 279 1.09 2.23 -13.22
C CYS A 279 -0.12 2.26 -14.13
N ALA A 280 -0.28 3.37 -14.84
CA ALA A 280 -1.40 3.56 -15.74
C ALA A 280 -1.39 2.66 -16.98
N CYS A 281 -0.22 2.13 -17.33
CA CYS A 281 -0.09 1.28 -18.49
C CYS A 281 -1.02 0.07 -18.47
N SER A 282 -0.84 -0.81 -17.51
CA SER A 282 -1.69 -2.00 -17.42
C SER A 282 -3.15 -1.63 -17.15
N ALA A 283 -3.38 -0.63 -16.30
CA ALA A 283 -4.73 -0.19 -15.97
C ALA A 283 -5.54 0.29 -17.18
N VAL A 284 -5.07 1.33 -17.87
CA VAL A 284 -5.86 1.82 -19.00
C VAL A 284 -6.08 0.79 -20.10
N VAL A 285 -5.10 -0.05 -20.36
CA VAL A 285 -5.29 -1.05 -21.40
C VAL A 285 -6.31 -2.12 -20.98
N THR A 286 -6.27 -2.55 -19.73
CA THR A 286 -7.20 -3.57 -19.24
C THR A 286 -8.64 -3.07 -19.06
N TYR A 287 -8.78 -1.95 -18.38
CA TYR A 287 -10.10 -1.40 -18.13
C TYR A 287 -10.84 -0.92 -19.36
N SER A 288 -10.15 -0.82 -20.50
CA SER A 288 -10.87 -0.37 -21.69
C SER A 288 -10.92 -1.40 -22.80
N HIS A 289 -9.76 -1.87 -23.21
CA HIS A 289 -9.66 -2.82 -24.30
C HIS A 289 -9.95 -4.32 -24.01
N ILE A 290 -9.53 -4.80 -22.84
CA ILE A 290 -9.63 -6.19 -22.42
C ILE A 290 -10.93 -6.45 -21.67
N PHE A 291 -11.48 -5.38 -21.12
CA PHE A 291 -12.78 -5.50 -20.50
C PHE A 291 -13.73 -5.57 -21.70
N LYS A 292 -13.52 -4.71 -22.69
CA LYS A 292 -14.36 -4.68 -23.88
C LYS A 292 -14.32 -6.00 -24.65
N GLN A 293 -13.11 -6.51 -24.91
CA GLN A 293 -12.97 -7.79 -25.61
C GLN A 293 -13.82 -8.83 -24.89
N LEU A 294 -13.75 -8.81 -23.56
CA LEU A 294 -14.49 -9.75 -22.73
C LEU A 294 -16.00 -9.55 -22.82
N ARG A 295 -16.44 -8.30 -22.87
CA ARG A 295 -17.86 -8.02 -22.96
C ARG A 295 -18.38 -8.46 -24.31
N GLU A 296 -17.63 -8.15 -25.36
CA GLU A 296 -18.02 -8.50 -26.72
C GLU A 296 -17.98 -10.00 -26.97
N GLY A 297 -17.26 -10.73 -26.14
CA GLY A 297 -17.17 -12.17 -26.33
C GLY A 297 -15.90 -12.60 -27.06
N LYS A 298 -15.06 -11.65 -27.46
CA LYS A 298 -13.84 -12.01 -28.15
C LYS A 298 -12.88 -12.74 -27.21
N LEU A 299 -13.15 -12.64 -25.91
CA LEU A 299 -12.33 -13.31 -24.90
C LEU A 299 -13.26 -13.91 -23.86
N ASN A 300 -12.75 -14.86 -23.07
CA ASN A 300 -13.58 -15.48 -22.05
C ASN A 300 -12.90 -15.47 -20.70
N ARG A 301 -11.62 -15.82 -20.67
CA ARG A 301 -10.88 -15.83 -19.42
C ARG A 301 -9.50 -15.25 -19.67
N VAL A 302 -9.17 -14.20 -18.95
CA VAL A 302 -7.88 -13.57 -19.11
C VAL A 302 -7.17 -13.46 -17.77
N PHE A 303 -5.85 -13.53 -17.81
CA PHE A 303 -5.02 -13.42 -16.62
C PHE A 303 -4.13 -12.18 -16.81
N VAL A 304 -4.38 -11.15 -16.01
CA VAL A 304 -3.63 -9.89 -16.09
C VAL A 304 -2.58 -9.83 -14.99
N VAL A 305 -1.34 -9.64 -15.39
CA VAL A 305 -0.26 -9.59 -14.42
C VAL A 305 0.50 -8.28 -14.51
N ALA A 306 0.28 -7.41 -13.54
CA ALA A 306 0.96 -6.13 -13.49
C ALA A 306 2.31 -6.34 -12.82
N THR A 307 3.36 -5.83 -13.44
CA THR A 307 4.71 -5.97 -12.91
C THR A 307 5.29 -4.64 -12.45
N GLY A 308 6.15 -4.68 -11.43
CA GLY A 308 6.73 -3.43 -10.97
C GLY A 308 8.19 -3.57 -10.57
N ALA A 309 8.92 -2.48 -10.70
CA ALA A 309 10.33 -2.44 -10.34
C ALA A 309 10.47 -1.51 -9.15
N LEU A 310 11.04 -2.04 -8.07
CA LEU A 310 11.20 -1.28 -6.83
C LEU A 310 12.60 -0.69 -6.72
N LEU A 311 12.96 0.18 -7.65
CA LEU A 311 14.30 0.77 -7.62
C LEU A 311 14.40 2.30 -7.46
N SER A 312 15.20 2.71 -6.48
CA SER A 312 15.41 4.13 -6.18
C SER A 312 16.85 4.53 -6.48
N PRO A 313 17.06 5.82 -6.77
CA PRO A 313 18.41 6.28 -7.08
C PRO A 313 19.39 6.07 -5.91
N THR A 314 18.92 6.34 -4.69
CA THR A 314 19.77 6.19 -3.52
C THR A 314 20.26 4.76 -3.32
N MSE A 315 19.41 3.79 -3.66
CA MSE A 315 19.76 2.39 -3.52
C MSE A 315 20.78 1.96 -4.58
O MSE A 315 21.74 1.24 -4.27
CB MSE A 315 18.52 1.51 -3.63
CG MSE A 315 17.65 1.48 -2.37
SE MSE A 315 18.54 0.67 -0.84
CE MSE A 315 19.32 2.25 -0.03
N ILE A 316 20.58 2.38 -5.81
CA ILE A 316 21.51 2.00 -6.87
C ILE A 316 22.87 2.65 -6.62
N GLN A 317 22.86 3.69 -5.80
CA GLN A 317 24.07 4.43 -5.40
C GLN A 317 24.92 3.59 -4.44
N GLN A 318 24.29 2.64 -3.76
CA GLN A 318 24.99 1.80 -2.82
C GLN A 318 25.19 0.39 -3.36
N LYS A 319 25.34 0.31 -4.68
CA LYS A 319 25.57 -0.95 -5.40
C LYS A 319 24.55 -2.03 -5.08
N GLU A 320 23.29 -1.62 -4.85
CA GLU A 320 22.25 -2.60 -4.53
C GLU A 320 21.61 -3.08 -5.82
N THR A 321 20.89 -4.20 -5.78
CA THR A 321 20.24 -4.71 -6.97
C THR A 321 18.82 -4.16 -7.12
N ILE A 322 18.14 -4.59 -8.18
CA ILE A 322 16.78 -4.13 -8.45
C ILE A 322 15.72 -5.19 -8.24
N PRO A 323 15.06 -5.15 -7.07
CA PRO A 323 14.00 -6.10 -6.73
C PRO A 323 12.72 -5.79 -7.51
N THR A 324 12.02 -6.85 -7.91
CA THR A 324 10.84 -6.66 -8.70
C THR A 324 9.71 -7.55 -8.18
N ILE A 325 8.47 -7.24 -8.58
CA ILE A 325 7.33 -8.03 -8.15
C ILE A 325 6.23 -8.01 -9.19
N ALA A 326 5.38 -9.03 -9.16
CA ALA A 326 4.27 -9.15 -10.10
C ALA A 326 3.01 -9.64 -9.41
N HIS A 327 1.87 -9.00 -9.68
CA HIS A 327 0.61 -9.41 -9.09
C HIS A 327 -0.38 -9.73 -10.19
N GLY A 328 -1.15 -10.79 -10.03
CA GLY A 328 -2.11 -11.17 -11.06
C GLY A 328 -3.57 -11.35 -10.65
N VAL A 329 -4.46 -11.06 -11.58
CA VAL A 329 -5.89 -11.20 -11.34
C VAL A 329 -6.55 -11.84 -12.56
N VAL A 330 -7.48 -12.74 -12.31
CA VAL A 330 -8.18 -13.40 -13.40
C VAL A 330 -9.54 -12.76 -13.65
N PHE A 331 -9.75 -12.24 -14.85
CA PHE A 331 -11.04 -11.65 -15.20
C PHE A 331 -11.75 -12.64 -16.13
N GLU A 332 -13.06 -12.75 -16.01
CA GLU A 332 -13.85 -13.66 -16.83
C GLU A 332 -15.20 -13.07 -17.24
N ARG A 333 -15.67 -13.47 -18.42
CA ARG A 333 -16.97 -13.00 -18.94
C ARG A 333 -18.03 -13.61 -18.03
N ALA A 334 -18.69 -12.77 -17.23
CA ALA A 334 -19.71 -13.23 -16.28
C ALA A 334 -20.60 -14.37 -16.77
N MSE B 1 -22.74 -8.85 7.75
CA MSE B 1 -21.40 -8.37 7.29
C MSE B 1 -20.44 -8.03 8.43
O MSE B 1 -20.85 -7.78 9.56
CB MSE B 1 -21.53 -7.12 6.43
CG MSE B 1 -22.00 -7.37 5.04
SE MSE B 1 -21.58 -5.81 4.04
CE MSE B 1 -23.00 -4.65 4.70
N LYS B 2 -19.16 -8.00 8.09
CA LYS B 2 -18.13 -7.68 9.06
C LYS B 2 -18.04 -6.16 9.19
N LEU B 3 -18.38 -5.45 8.11
CA LEU B 3 -18.38 -3.98 8.10
C LEU B 3 -19.50 -3.50 8.99
N THR B 4 -19.16 -2.78 10.05
CA THR B 4 -20.16 -2.27 10.97
C THR B 4 -20.08 -0.76 10.93
N GLY B 5 -21.22 -0.12 10.77
CA GLY B 5 -21.19 1.33 10.71
C GLY B 5 -20.61 1.81 9.40
N LYS B 6 -19.92 2.94 9.46
CA LYS B 6 -19.35 3.55 8.29
C LYS B 6 -17.95 3.13 7.90
N GLN B 7 -17.07 2.98 8.89
CA GLN B 7 -15.67 2.65 8.64
C GLN B 7 -15.04 1.58 9.54
N THR B 8 -15.86 0.77 10.21
CA THR B 8 -15.28 -0.19 11.14
C THR B 8 -15.43 -1.68 10.77
N TRP B 9 -14.35 -2.43 10.89
CA TRP B 9 -14.40 -3.86 10.62
C TRP B 9 -14.44 -4.64 11.91
N VAL B 10 -15.44 -5.49 12.06
CA VAL B 10 -15.56 -6.34 13.22
C VAL B 10 -15.35 -7.75 12.70
N PHE B 11 -14.25 -8.38 13.12
CA PHE B 11 -13.90 -9.72 12.67
C PHE B 11 -14.79 -10.81 13.29
N GLU B 12 -15.25 -11.76 12.48
CA GLU B 12 -16.12 -12.84 12.98
C GLU B 12 -15.30 -13.91 13.67
N HIS B 13 -14.20 -14.30 13.04
CA HIS B 13 -13.35 -15.32 13.63
C HIS B 13 -12.40 -14.62 14.59
N PRO B 14 -12.07 -15.27 15.71
CA PRO B 14 -11.16 -14.64 16.65
C PRO B 14 -9.78 -14.48 15.99
N ILE B 15 -9.26 -13.26 16.03
CA ILE B 15 -7.95 -12.97 15.46
C ILE B 15 -7.01 -12.62 16.60
N PHE B 16 -5.84 -13.26 16.65
CA PHE B 16 -4.89 -13.00 17.72
C PHE B 16 -3.51 -12.59 17.23
N VAL B 17 -2.75 -12.00 18.15
CA VAL B 17 -1.37 -11.62 17.87
C VAL B 17 -0.55 -12.74 18.50
N ASN B 18 0.12 -13.54 17.68
CA ASN B 18 0.89 -14.67 18.16
C ASN B 18 2.25 -14.27 18.71
N SER B 19 2.82 -13.22 18.16
CA SER B 19 4.10 -12.74 18.63
C SER B 19 4.39 -11.35 18.08
N ALA B 20 5.21 -10.61 18.83
CA ALA B 20 5.61 -9.27 18.45
C ALA B 20 7.11 -9.10 18.65
N GLY B 21 7.74 -8.36 17.74
CA GLY B 21 9.17 -8.11 17.84
C GLY B 21 9.38 -6.61 17.68
N THR B 22 10.40 -6.06 18.34
CA THR B 22 10.70 -4.66 18.24
C THR B 22 12.20 -4.47 18.38
N ALA B 23 12.74 -3.50 17.64
CA ALA B 23 14.15 -3.15 17.68
C ALA B 23 14.17 -1.63 17.67
N ALA B 24 15.13 -1.01 18.36
CA ALA B 24 15.21 0.44 18.43
C ALA B 24 16.65 0.96 18.53
N GLY B 25 16.82 2.25 18.23
CA GLY B 25 18.12 2.88 18.28
C GLY B 25 18.54 3.33 19.68
N PRO B 26 19.67 4.04 19.81
CA PRO B 26 20.16 4.52 21.12
C PRO B 26 19.23 5.43 21.92
N LYS B 27 18.73 6.48 21.31
CA LYS B 27 17.86 7.40 22.02
C LYS B 27 16.64 6.68 22.57
N GLU B 28 16.20 5.64 21.88
CA GLU B 28 15.03 4.87 22.33
C GLU B 28 15.47 3.99 23.50
N LYS B 29 16.62 3.34 23.32
CA LYS B 29 17.19 2.45 24.33
C LYS B 29 17.35 3.14 25.68
N ASP B 30 17.72 4.42 25.66
CA ASP B 30 17.91 5.16 26.90
C ASP B 30 16.64 5.80 27.40
N GLY B 31 15.56 5.65 26.63
CA GLY B 31 14.30 6.24 27.04
C GLY B 31 13.64 5.38 28.11
N PRO B 32 12.50 5.82 28.63
CA PRO B 32 11.77 5.08 29.68
C PRO B 32 11.22 3.71 29.27
N LEU B 33 11.34 3.33 28.00
CA LEU B 33 10.83 2.03 27.56
C LEU B 33 11.97 1.19 26.99
N GLY B 34 13.16 1.78 26.95
CA GLY B 34 14.34 1.12 26.41
C GLY B 34 14.59 -0.32 26.82
N SER B 35 14.24 -0.65 28.06
CA SER B 35 14.45 -2.00 28.59
C SER B 35 13.45 -3.02 28.08
N LEU B 36 12.39 -2.55 27.43
CA LEU B 36 11.35 -3.45 26.93
C LEU B 36 11.56 -3.87 25.48
N PHE B 37 12.48 -3.23 24.77
CA PHE B 37 12.71 -3.59 23.37
C PHE B 37 13.50 -4.89 23.26
N ASP B 38 13.18 -5.69 22.25
CA ASP B 38 13.87 -6.96 22.06
C ASP B 38 15.31 -6.76 21.63
N LYS B 39 15.55 -5.75 20.81
CA LYS B 39 16.89 -5.48 20.31
C LYS B 39 17.11 -3.96 20.28
N THR B 40 18.29 -3.54 20.69
CA THR B 40 18.65 -2.12 20.72
C THR B 40 20.08 -1.93 20.22
N TYR B 41 20.44 -0.68 19.93
CA TYR B 41 21.77 -0.34 19.46
C TYR B 41 22.26 0.94 20.14
N ASP B 42 23.57 1.09 20.25
CA ASP B 42 24.14 2.28 20.88
C ASP B 42 24.51 3.33 19.85
N GLU B 43 24.60 2.90 18.60
CA GLU B 43 24.96 3.76 17.46
C GLU B 43 23.86 3.71 16.39
N MSE B 44 23.41 4.88 15.96
CA MSE B 44 22.38 4.94 14.94
C MSE B 44 22.69 4.12 13.69
O MSE B 44 21.78 3.72 12.98
CB MSE B 44 22.13 6.38 14.51
CG MSE B 44 21.21 7.15 15.43
SE MSE B 44 20.46 8.66 14.50
CE MSE B 44 21.99 9.83 14.50
N HIS B 45 23.97 3.89 13.44
CA HIS B 45 24.39 3.13 12.27
C HIS B 45 23.97 1.66 12.39
N CYS B 46 23.69 1.22 13.61
CA CYS B 46 23.28 -0.15 13.86
C CYS B 46 24.24 -1.12 13.17
N ASN B 47 25.53 -0.89 13.35
CA ASN B 47 26.57 -1.73 12.74
C ASN B 47 26.42 -1.85 11.23
N GLN B 48 25.92 -0.80 10.59
CA GLN B 48 25.74 -0.81 9.13
C GLN B 48 26.51 0.32 8.47
N LYS B 49 26.78 0.17 7.17
CA LYS B 49 27.52 1.15 6.40
C LYS B 49 26.74 2.44 6.11
N SER B 50 25.42 2.37 6.00
CA SER B 50 24.62 3.56 5.74
C SER B 50 23.31 3.61 6.51
N TRP B 51 22.72 4.80 6.56
CA TRP B 51 21.46 4.99 7.26
C TRP B 51 20.37 4.06 6.73
N GLU B 52 20.27 3.95 5.42
CA GLU B 52 19.27 3.09 4.79
C GLU B 52 19.45 1.64 5.23
N MSE B 53 20.70 1.21 5.35
CA MSE B 53 21.01 -0.15 5.77
C MSE B 53 20.70 -0.33 7.25
O MSE B 53 20.40 -1.43 7.70
CB MSE B 53 22.47 -0.47 5.50
CG MSE B 53 22.84 -0.52 4.01
SE MSE B 53 21.60 -1.60 2.94
CE MSE B 53 22.15 -3.38 3.52
N ALA B 54 20.79 0.76 8.00
CA ALA B 54 20.49 0.70 9.42
C ALA B 54 19.00 0.40 9.61
N GLU B 55 18.16 1.18 8.95
CA GLU B 55 16.71 0.98 9.04
C GLU B 55 16.34 -0.44 8.63
N ARG B 56 17.00 -0.94 7.59
CA ARG B 56 16.76 -2.28 7.11
C ARG B 56 17.08 -3.27 8.23
N GLN B 57 18.23 -3.10 8.87
CA GLN B 57 18.63 -4.00 9.96
C GLN B 57 17.60 -4.00 11.08
N LEU B 58 17.01 -2.83 11.30
CA LEU B 58 16.01 -2.67 12.34
C LEU B 58 14.78 -3.51 12.03
N MSE B 59 14.33 -3.50 10.77
CA MSE B 59 13.16 -4.29 10.39
C MSE B 59 13.48 -5.77 10.37
O MSE B 59 12.65 -6.60 10.74
CB MSE B 59 12.63 -3.84 9.03
CG MSE B 59 11.13 -4.01 8.90
SE MSE B 59 10.47 -3.58 7.14
CE MSE B 59 9.78 -5.31 6.66
N GLU B 60 14.68 -6.11 9.93
CA GLU B 60 15.14 -7.49 9.90
C GLU B 60 15.02 -8.07 11.32
N ASP B 61 15.53 -7.32 12.28
CA ASP B 61 15.51 -7.70 13.69
C ASP B 61 14.08 -7.92 14.20
N ALA B 62 13.23 -6.91 14.02
CA ALA B 62 11.87 -7.03 14.49
C ALA B 62 11.18 -8.26 13.88
N VAL B 63 11.34 -8.47 12.59
CA VAL B 63 10.73 -9.62 11.94
C VAL B 63 11.26 -10.93 12.45
N ASN B 64 12.57 -11.06 12.52
CA ASN B 64 13.15 -12.29 13.00
C ASN B 64 12.81 -12.56 14.45
N VAL B 65 12.89 -11.54 15.30
CA VAL B 65 12.58 -11.76 16.70
C VAL B 65 11.13 -12.19 16.87
N ALA B 66 10.24 -11.64 16.05
CA ALA B 66 8.82 -11.98 16.12
C ALA B 66 8.62 -13.42 15.66
N LEU B 67 9.31 -13.80 14.60
CA LEU B 67 9.20 -15.16 14.07
C LEU B 67 9.82 -16.14 15.05
N GLN B 68 10.93 -15.75 15.67
CA GLN B 68 11.62 -16.60 16.62
C GLN B 68 10.75 -16.95 17.83
N LYS B 69 10.11 -15.94 18.41
CA LYS B 69 9.27 -16.15 19.59
C LYS B 69 8.15 -17.17 19.41
N ASN B 70 7.53 -17.20 18.24
CA ASN B 70 6.44 -18.13 17.98
C ASN B 70 6.97 -19.40 17.27
N ASN B 71 8.27 -19.59 17.31
CA ASN B 71 8.90 -20.76 16.69
C ASN B 71 8.46 -20.90 15.23
N LEU B 72 8.55 -19.80 14.49
CA LEU B 72 8.16 -19.76 13.10
C LEU B 72 9.31 -19.39 12.17
N THR B 73 9.12 -19.70 10.90
CA THR B 73 10.11 -19.38 9.89
C THR B 73 9.38 -18.61 8.78
N LYS B 74 10.13 -17.90 7.94
CA LYS B 74 9.52 -17.14 6.87
C LYS B 74 8.60 -18.00 6.02
N ASP B 75 8.83 -19.31 6.00
CA ASP B 75 7.99 -20.20 5.22
C ASP B 75 6.64 -20.47 5.89
N ASP B 76 6.51 -20.07 7.15
CA ASP B 76 5.24 -20.29 7.86
C ASP B 76 4.32 -19.09 7.64
N ILE B 77 4.77 -18.12 6.85
CA ILE B 77 3.97 -16.93 6.60
C ILE B 77 3.40 -16.91 5.19
N ASP B 78 2.14 -16.52 5.07
CA ASP B 78 1.48 -16.46 3.77
C ASP B 78 1.47 -15.05 3.18
N LEU B 79 1.35 -14.04 4.03
CA LEU B 79 1.34 -12.66 3.56
C LEU B 79 2.23 -11.79 4.42
N LEU B 80 2.84 -10.80 3.76
CA LEU B 80 3.71 -9.85 4.41
C LEU B 80 3.22 -8.45 4.05
N LEU B 81 2.78 -7.72 5.08
CA LEU B 81 2.27 -6.36 4.91
C LEU B 81 3.17 -5.41 5.70
N ALA B 82 3.96 -4.65 4.96
CA ALA B 82 4.90 -3.70 5.54
C ALA B 82 4.98 -2.42 4.71
N GLY B 83 5.53 -1.38 5.33
CA GLY B 83 5.70 -0.09 4.69
C GLY B 83 6.57 0.79 5.57
N ASP B 84 7.25 1.75 4.95
CA ASP B 84 8.14 2.68 5.65
C ASP B 84 7.86 4.08 5.10
N LEU B 85 8.33 5.11 5.80
CA LEU B 85 8.06 6.47 5.36
C LEU B 85 8.96 7.01 4.25
N LEU B 86 10.08 6.35 3.99
CA LEU B 86 10.96 6.84 2.93
C LEU B 86 10.42 6.41 1.56
N ASN B 87 10.49 7.31 0.59
CA ASN B 87 9.96 7.04 -0.75
C ASN B 87 10.37 5.74 -1.41
N GLN B 88 9.41 5.18 -2.14
CA GLN B 88 9.55 3.92 -2.84
C GLN B 88 9.54 2.74 -1.88
N ASN B 89 9.44 3.02 -0.58
CA ASN B 89 9.41 1.97 0.43
C ASN B 89 10.59 1.01 0.29
N VAL B 90 11.78 1.57 0.17
CA VAL B 90 13.00 0.80 0.03
C VAL B 90 13.16 -0.27 1.12
N THR B 91 13.02 0.13 2.37
CA THR B 91 13.16 -0.79 3.49
C THR B 91 12.30 -2.06 3.34
N ALA B 92 11.00 -1.88 3.23
CA ALA B 92 10.09 -3.02 3.12
C ALA B 92 10.40 -3.89 1.89
N ASN B 93 10.56 -3.25 0.73
CA ASN B 93 10.85 -3.99 -0.50
C ASN B 93 12.08 -4.89 -0.40
N TYR B 94 13.17 -4.35 0.13
CA TYR B 94 14.38 -5.14 0.26
C TYR B 94 14.25 -6.24 1.32
N VAL B 95 13.54 -5.94 2.41
CA VAL B 95 13.36 -6.95 3.45
C VAL B 95 12.47 -8.04 2.85
N ALA B 96 11.48 -7.64 2.06
CA ALA B 96 10.58 -8.60 1.44
C ALA B 96 11.37 -9.47 0.46
N ARG B 97 12.37 -8.90 -0.19
CA ARG B 97 13.19 -9.67 -1.12
C ARG B 97 13.81 -10.85 -0.39
N HIS B 98 14.19 -10.60 0.86
CA HIS B 98 14.81 -11.61 1.69
C HIS B 98 13.82 -12.63 2.28
N LEU B 99 12.64 -12.17 2.68
CA LEU B 99 11.66 -13.08 3.25
C LEU B 99 11.01 -13.95 2.16
N LYS B 100 10.95 -13.44 0.93
CA LYS B 100 10.35 -14.17 -0.18
C LYS B 100 8.89 -14.57 0.10
N ILE B 101 8.23 -13.80 0.97
CA ILE B 101 6.84 -14.03 1.33
C ILE B 101 5.99 -13.12 0.43
N PRO B 102 4.85 -13.62 -0.09
CA PRO B 102 3.96 -12.82 -0.94
C PRO B 102 3.85 -11.47 -0.25
N PHE B 103 4.26 -10.43 -0.96
CA PHE B 103 4.31 -9.07 -0.42
C PHE B 103 3.25 -8.08 -0.87
N LEU B 104 2.66 -7.36 0.09
CA LEU B 104 1.65 -6.33 -0.17
C LEU B 104 2.20 -5.06 0.45
N CYS B 105 2.84 -4.22 -0.36
CA CYS B 105 3.42 -2.98 0.14
C CYS B 105 2.35 -1.94 0.50
N MSE B 106 2.36 -1.54 1.76
CA MSE B 106 1.42 -0.59 2.33
C MSE B 106 2.13 0.73 2.62
O MSE B 106 3.35 0.78 2.75
CB MSE B 106 0.90 -1.13 3.66
CG MSE B 106 -0.56 -0.95 3.91
SE MSE B 106 -1.54 -2.36 3.05
CE MSE B 106 -0.77 -3.86 3.96
N PHE B 107 1.35 1.81 2.73
CA PHE B 107 1.93 3.10 3.02
C PHE B 107 0.88 4.12 3.39
N GLY B 108 0.95 4.62 4.62
CA GLY B 108 0.00 5.62 5.07
C GLY B 108 0.68 6.59 6.02
N ALA B 109 1.92 6.94 5.69
CA ALA B 109 2.76 7.81 6.50
C ALA B 109 2.93 7.11 7.85
N CYS B 110 2.83 7.85 8.93
CA CYS B 110 3.01 7.27 10.25
C CYS B 110 1.77 6.52 10.76
N SER B 111 0.87 6.16 9.86
CA SER B 111 -0.32 5.42 10.24
C SER B 111 -0.18 4.00 9.68
N THR B 112 0.93 3.76 8.99
CA THR B 112 1.20 2.47 8.37
C THR B 112 1.14 1.35 9.41
N SER B 113 1.59 1.69 10.60
CA SER B 113 1.59 0.78 11.71
C SER B 113 0.26 0.03 11.80
N MSE B 114 -0.83 0.78 11.99
CA MSE B 114 -2.15 0.16 12.13
C MSE B 114 -2.81 -0.22 10.80
O MSE B 114 -3.71 -1.07 10.79
CB MSE B 114 -3.07 1.10 12.92
CG MSE B 114 -2.60 1.30 14.34
SE MSE B 114 -2.46 -0.43 15.28
CE MSE B 114 -0.52 -0.65 15.25
N GLU B 115 -2.38 0.40 9.71
CA GLU B 115 -2.94 0.08 8.40
C GLU B 115 -2.61 -1.37 8.09
N THR B 116 -1.32 -1.71 8.18
CA THR B 116 -0.84 -3.05 7.92
C THR B 116 -1.52 -4.06 8.83
N VAL B 117 -1.70 -3.71 10.09
CA VAL B 117 -2.32 -4.64 11.01
C VAL B 117 -3.81 -4.81 10.75
N ALA B 118 -4.48 -3.74 10.35
CA ALA B 118 -5.91 -3.81 10.09
C ALA B 118 -6.24 -4.64 8.85
N VAL B 119 -5.53 -4.40 7.78
CA VAL B 119 -5.80 -5.13 6.58
C VAL B 119 -5.30 -6.57 6.75
N ALA B 120 -4.20 -6.74 7.49
CA ALA B 120 -3.70 -8.10 7.71
C ALA B 120 -4.73 -8.89 8.48
N SER B 121 -5.35 -8.26 9.47
CA SER B 121 -6.35 -8.95 10.25
C SER B 121 -7.52 -9.34 9.36
N ALA B 122 -7.92 -8.43 8.47
CA ALA B 122 -9.04 -8.69 7.57
C ALA B 122 -8.73 -9.83 6.60
N LEU B 123 -7.49 -9.90 6.12
CA LEU B 123 -7.16 -10.96 5.18
C LEU B 123 -7.08 -12.31 5.90
N VAL B 124 -6.71 -12.31 7.18
CA VAL B 124 -6.64 -13.56 7.94
C VAL B 124 -8.06 -13.99 8.35
N ASP B 125 -8.92 -13.02 8.61
CA ASP B 125 -10.29 -13.32 9.00
C ASP B 125 -11.11 -13.75 7.80
N GLY B 126 -10.76 -13.23 6.63
CA GLY B 126 -11.46 -13.57 5.40
C GLY B 126 -10.94 -14.87 4.83
N GLY B 127 -9.88 -15.42 5.42
CA GLY B 127 -9.34 -16.69 4.94
C GLY B 127 -8.42 -16.63 3.73
N PHE B 128 -7.77 -15.49 3.55
CA PHE B 128 -6.88 -15.32 2.43
C PHE B 128 -5.47 -15.62 2.83
N ALA B 129 -5.27 -15.74 4.14
CA ALA B 129 -3.95 -16.01 4.72
C ALA B 129 -4.08 -16.72 6.06
N LYS B 130 -3.31 -17.78 6.25
CA LYS B 130 -3.37 -18.52 7.49
C LYS B 130 -2.57 -17.74 8.53
N ARG B 131 -1.43 -17.21 8.10
CA ARG B 131 -0.55 -16.46 8.97
C ARG B 131 -0.08 -15.20 8.23
N ALA B 132 -0.21 -14.05 8.88
CA ALA B 132 0.21 -12.80 8.26
C ALA B 132 1.24 -12.11 9.12
N LEU B 133 2.13 -11.37 8.47
CA LEU B 133 3.18 -10.65 9.16
C LEU B 133 3.11 -9.16 8.81
N ALA B 134 2.85 -8.33 9.80
CA ALA B 134 2.75 -6.88 9.59
C ALA B 134 3.96 -6.22 10.28
N ALA B 135 4.68 -5.37 9.54
CA ALA B 135 5.85 -4.69 10.06
C ALA B 135 5.97 -3.24 9.57
N THR B 136 6.76 -2.44 10.29
CA THR B 136 6.98 -1.03 9.95
C THR B 136 8.30 -0.62 10.59
N SER B 137 8.90 0.42 10.03
CA SER B 137 10.17 0.89 10.56
C SER B 137 10.32 2.37 10.32
N SER B 138 11.30 2.95 10.99
CA SER B 138 11.54 4.37 10.88
C SER B 138 12.96 4.66 11.39
N HIS B 139 13.64 5.60 10.75
CA HIS B 139 14.99 5.95 11.18
C HIS B 139 15.18 7.46 11.17
N ASN B 140 15.65 8.01 12.29
CA ASN B 140 15.83 9.45 12.43
C ASN B 140 16.60 10.13 11.31
N ALA B 141 17.64 9.49 10.81
CA ALA B 141 18.46 10.08 9.74
C ALA B 141 17.75 10.12 8.40
N THR B 142 17.27 8.97 7.93
CA THR B 142 16.56 8.91 6.65
C THR B 142 15.32 9.81 6.65
N ALA B 143 14.78 10.08 7.83
CA ALA B 143 13.58 10.91 7.97
C ALA B 143 13.77 12.38 7.60
N GLU B 144 14.94 12.94 7.91
CA GLU B 144 15.21 14.35 7.60
C GLU B 144 15.21 14.62 6.10
N ARG B 145 15.82 13.72 5.34
CA ARG B 145 15.89 13.84 3.87
C ARG B 145 14.52 13.59 3.25
N PRO B 158 10.41 25.18 16.00
CA PRO B 158 10.34 25.73 17.37
C PRO B 158 9.87 24.70 18.41
N ASP B 159 8.84 25.05 19.18
CA ASP B 159 8.27 24.15 20.19
C ASP B 159 7.09 23.38 19.61
N THR B 160 7.07 23.24 18.28
CA THR B 160 6.00 22.50 17.62
C THR B 160 6.58 21.31 16.86
N ALA B 161 7.88 21.38 16.58
CA ALA B 161 8.58 20.32 15.85
C ALA B 161 8.59 19.02 16.65
N THR B 162 8.90 17.94 15.96
CA THR B 162 8.95 16.62 16.57
C THR B 162 10.24 15.91 16.15
N SER B 163 10.47 14.71 16.67
CA SER B 163 11.67 13.96 16.31
C SER B 163 11.34 12.51 15.96
N THR B 164 11.67 12.13 14.73
CA THR B 164 11.40 10.77 14.24
C THR B 164 12.05 9.70 15.11
N VAL B 165 11.29 8.68 15.42
CA VAL B 165 11.79 7.58 16.23
C VAL B 165 12.56 6.63 15.33
N THR B 166 13.63 6.09 15.89
CA THR B 166 14.49 5.16 15.18
C THR B 166 14.18 3.78 15.70
N GLY B 167 13.49 2.98 14.90
CA GLY B 167 13.16 1.63 15.35
C GLY B 167 12.22 0.91 14.39
N SER B 168 11.79 -0.27 14.80
CA SER B 168 10.91 -1.06 13.98
C SER B 168 10.12 -2.07 14.81
N GLY B 169 8.88 -2.30 14.40
CA GLY B 169 8.03 -3.25 15.10
C GLY B 169 7.35 -4.21 14.13
N ALA B 170 7.26 -5.48 14.51
CA ALA B 170 6.60 -6.45 13.66
C ALA B 170 5.71 -7.34 14.50
N VAL B 171 4.62 -7.79 13.90
CA VAL B 171 3.71 -8.64 14.62
C VAL B 171 3.25 -9.79 13.72
N VAL B 172 2.88 -10.91 14.34
CA VAL B 172 2.40 -12.08 13.62
C VAL B 172 0.92 -12.22 13.95
N ILE B 173 0.09 -12.35 12.93
CA ILE B 173 -1.34 -12.45 13.14
C ILE B 173 -1.91 -13.73 12.55
N SER B 174 -2.83 -14.36 13.28
CA SER B 174 -3.46 -15.59 12.82
C SER B 174 -4.66 -15.90 13.69
N GLN B 175 -5.35 -16.97 13.33
CA GLN B 175 -6.51 -17.42 14.07
C GLN B 175 -6.15 -18.35 15.22
N THR B 176 -4.85 -18.57 15.40
CA THR B 176 -4.35 -19.42 16.49
C THR B 176 -4.31 -18.60 17.76
N PRO B 177 -4.95 -19.08 18.83
CA PRO B 177 -5.04 -18.44 20.15
C PRO B 177 -3.75 -17.84 20.67
N GLY B 178 -3.89 -16.65 21.23
CA GLY B 178 -2.75 -15.93 21.78
C GLY B 178 -3.18 -15.14 22.99
N ASP B 179 -2.24 -14.38 23.55
CA ASP B 179 -2.50 -13.56 24.72
C ASP B 179 -3.32 -12.34 24.36
N ILE B 180 -2.97 -11.70 23.24
CA ILE B 180 -3.68 -10.51 22.78
C ILE B 180 -4.63 -10.81 21.62
N GLN B 181 -5.80 -10.19 21.62
CA GLN B 181 -6.76 -10.45 20.55
C GLN B 181 -7.18 -9.17 19.83
N ILE B 182 -7.22 -9.22 18.51
CA ILE B 182 -7.62 -8.08 17.70
C ILE B 182 -9.10 -8.25 17.41
N THR B 183 -9.93 -7.34 17.93
CA THR B 183 -11.37 -7.45 17.77
C THR B 183 -12.03 -6.56 16.74
N SER B 184 -11.43 -5.42 16.46
CA SER B 184 -12.02 -4.53 15.48
C SER B 184 -10.96 -3.56 14.99
N ALA B 185 -11.27 -2.90 13.88
CA ALA B 185 -10.37 -1.93 13.29
C ALA B 185 -11.22 -0.90 12.60
N THR B 186 -10.77 0.33 12.59
CA THR B 186 -11.48 1.40 11.93
C THR B 186 -10.57 2.02 10.91
N VAL B 187 -10.99 1.98 9.64
CA VAL B 187 -10.20 2.56 8.57
C VAL B 187 -10.61 4.03 8.50
N GLY B 188 -9.61 4.91 8.52
CA GLY B 188 -9.89 6.33 8.49
C GLY B 188 -9.99 6.92 7.11
N LYS B 189 -10.51 8.15 7.06
CA LYS B 189 -10.64 8.86 5.80
C LYS B 189 -9.77 10.10 5.89
N VAL B 190 -9.38 10.62 4.74
CA VAL B 190 -8.52 11.79 4.69
C VAL B 190 -9.20 13.05 5.22
N SER B 191 -8.48 13.78 6.07
CA SER B 191 -8.96 15.01 6.66
C SER B 191 -8.05 16.16 6.29
N ASP B 192 -8.63 17.33 6.07
CA ASP B 192 -7.84 18.51 5.74
C ASP B 192 -8.60 19.76 6.17
N LEU B 193 -8.24 20.32 7.33
CA LEU B 193 -8.93 21.51 7.80
C LEU B 193 -8.32 22.77 7.16
N GLY B 194 -7.15 22.60 6.56
CA GLY B 194 -6.49 23.73 5.92
C GLY B 194 -5.09 24.04 6.41
N ILE B 195 -4.54 23.20 7.28
CA ILE B 195 -3.19 23.46 7.77
C ILE B 195 -2.23 23.45 6.60
N THR B 196 -1.29 24.38 6.66
CA THR B 196 -0.29 24.50 5.61
C THR B 196 1.13 24.51 6.20
N ASP B 197 1.27 24.87 7.47
CA ASP B 197 2.58 24.88 8.11
C ASP B 197 3.13 23.47 8.32
N PRO B 198 4.17 23.10 7.55
CA PRO B 198 4.81 21.79 7.61
C PRO B 198 5.61 21.51 8.88
N PHE B 199 5.46 22.35 9.90
CA PHE B 199 6.17 22.12 11.14
C PHE B 199 5.27 21.91 12.36
N ASP B 200 3.96 21.89 12.13
CA ASP B 200 3.01 21.67 13.22
C ASP B 200 2.10 20.50 12.82
N MSE B 201 2.68 19.31 12.81
CA MSE B 201 1.97 18.09 12.45
C MSE B 201 0.93 17.72 13.48
O MSE B 201 -0.14 17.21 13.14
CB MSE B 201 2.98 16.95 12.26
CG MSE B 201 2.90 16.31 10.87
SE MSE B 201 2.91 17.64 9.42
CE MSE B 201 4.84 17.92 9.38
N GLY B 202 1.25 17.97 14.75
CA GLY B 202 0.32 17.64 15.82
C GLY B 202 -1.04 18.26 15.59
N SER B 203 -1.07 19.56 15.29
CA SER B 203 -2.33 20.26 15.04
C SER B 203 -2.97 19.86 13.72
N ALA B 204 -2.16 19.38 12.79
CA ALA B 204 -2.66 18.95 11.49
C ALA B 204 -3.29 17.56 11.55
N MSE B 205 -2.69 16.67 12.32
CA MSE B 205 -3.20 15.32 12.45
C MSE B 205 -4.30 15.16 13.51
O MSE B 205 -5.08 14.20 13.46
CB MSE B 205 -2.05 14.36 12.78
CG MSE B 205 -0.95 14.38 11.73
SE MSE B 205 0.45 13.08 12.10
CE MSE B 205 0.90 13.69 13.90
N ALA B 206 -4.36 16.08 14.46
CA ALA B 206 -5.38 16.00 15.50
C ALA B 206 -6.78 15.71 14.92
N PRO B 207 -7.26 16.55 13.99
CA PRO B 207 -8.58 16.32 13.40
C PRO B 207 -8.79 14.91 12.86
N ALA B 208 -7.77 14.37 12.17
CA ALA B 208 -7.86 13.03 11.60
C ALA B 208 -8.09 11.98 12.71
N ALA B 209 -7.34 12.10 13.79
CA ALA B 209 -7.49 11.17 14.91
C ALA B 209 -8.87 11.30 15.54
N ALA B 210 -9.31 12.53 15.75
CA ALA B 210 -10.61 12.77 16.37
C ALA B 210 -11.74 12.20 15.50
N ASP B 211 -11.62 12.37 14.18
CA ASP B 211 -12.61 11.88 13.25
C ASP B 211 -12.74 10.37 13.36
N THR B 212 -11.61 9.68 13.22
CA THR B 212 -11.57 8.23 13.30
C THR B 212 -12.06 7.72 14.64
N ILE B 213 -11.65 8.38 15.73
CA ILE B 213 -12.09 7.96 17.06
C ILE B 213 -13.60 8.14 17.20
N LYS B 214 -14.12 9.26 16.70
CA LYS B 214 -15.55 9.55 16.76
C LYS B 214 -16.36 8.58 15.93
N GLN B 215 -15.91 8.32 14.71
CA GLN B 215 -16.64 7.40 13.84
C GLN B 215 -16.62 5.97 14.41
N HIS B 216 -15.55 5.64 15.11
CA HIS B 216 -15.40 4.32 15.71
C HIS B 216 -16.41 4.16 16.84
N PHE B 217 -16.53 5.16 17.72
CA PHE B 217 -17.51 5.09 18.81
C PHE B 217 -18.94 4.94 18.26
N LYS B 218 -19.29 5.76 17.27
CA LYS B 218 -20.63 5.71 16.68
C LYS B 218 -20.93 4.37 15.99
N ASP B 219 -19.94 3.84 15.26
CA ASP B 219 -20.08 2.57 14.55
C ASP B 219 -20.36 1.40 15.47
N LEU B 220 -19.71 1.38 16.62
CA LEU B 220 -19.90 0.29 17.58
C LEU B 220 -20.78 0.70 18.76
N ASN B 221 -21.40 1.86 18.67
CA ASN B 221 -22.25 2.38 19.74
C ASN B 221 -21.49 2.29 21.06
N ARG B 222 -20.27 2.81 21.06
CA ARG B 222 -19.42 2.78 22.24
C ARG B 222 -18.99 4.19 22.64
N THR B 223 -18.35 4.30 23.80
CA THR B 223 -17.84 5.58 24.28
C THR B 223 -16.45 5.37 24.89
N ALA B 224 -15.89 6.39 25.51
CA ALA B 224 -14.58 6.27 26.13
C ALA B 224 -14.66 5.31 27.30
N ASP B 225 -15.86 5.10 27.83
CA ASP B 225 -16.01 4.22 28.97
C ASP B 225 -15.77 2.75 28.62
N ASP B 226 -15.84 2.45 27.33
CA ASP B 226 -15.64 1.08 26.86
C ASP B 226 -14.18 0.71 26.66
N TYR B 227 -13.28 1.67 26.94
CA TYR B 227 -11.85 1.44 26.79
C TYR B 227 -11.06 1.86 28.04
N ASP B 228 -9.96 1.17 28.30
CA ASP B 228 -9.12 1.50 29.44
C ASP B 228 -8.09 2.51 28.95
N LEU B 229 -7.94 2.59 27.64
CA LEU B 229 -6.98 3.51 27.06
C LEU B 229 -7.22 3.76 25.59
N ILE B 230 -7.12 5.02 25.18
CA ILE B 230 -7.27 5.41 23.78
C ILE B 230 -5.87 5.91 23.42
N LEU B 231 -5.08 5.08 22.75
CA LEU B 231 -3.73 5.47 22.40
C LEU B 231 -3.61 6.07 20.99
N THR B 232 -3.00 7.24 20.88
CA THR B 232 -2.83 7.88 19.59
C THR B 232 -1.36 7.74 19.15
N GLY B 233 -1.17 7.66 17.84
CA GLY B 233 0.14 7.47 17.25
C GLY B 233 1.22 8.47 17.64
N ASP B 234 1.19 9.66 17.07
CA ASP B 234 2.19 10.65 17.42
C ASP B 234 1.69 12.09 17.36
N LEU B 235 0.59 12.34 18.06
CA LEU B 235 0.05 13.69 18.10
C LEU B 235 1.03 14.52 18.94
N SER B 236 1.71 13.85 19.86
CA SER B 236 2.70 14.49 20.71
C SER B 236 2.20 15.65 21.57
N GLY B 237 3.11 16.53 21.97
CA GLY B 237 2.75 17.65 22.80
C GLY B 237 1.69 18.58 22.27
N VAL B 238 1.75 18.90 20.98
CA VAL B 238 0.77 19.80 20.39
C VAL B 238 -0.57 19.17 20.06
N GLY B 239 -0.55 18.01 19.41
CA GLY B 239 -1.78 17.33 19.03
C GLY B 239 -2.60 16.68 20.13
N SER B 240 -1.96 16.16 21.17
CA SER B 240 -2.69 15.51 22.25
C SER B 240 -3.76 16.38 22.88
N PRO B 241 -3.40 17.60 23.29
CA PRO B 241 -4.45 18.43 23.90
C PRO B 241 -5.55 18.79 22.90
N ILE B 242 -5.17 19.07 21.65
CA ILE B 242 -6.12 19.40 20.60
C ILE B 242 -7.13 18.28 20.30
N VAL B 243 -6.67 17.03 20.30
CA VAL B 243 -7.57 15.92 20.02
C VAL B 243 -8.54 15.71 21.15
N LYS B 244 -8.09 15.99 22.38
CA LYS B 244 -8.95 15.80 23.53
C LYS B 244 -10.05 16.86 23.53
N ASP B 245 -9.75 18.02 22.98
CA ASP B 245 -10.74 19.09 22.93
C ASP B 245 -11.79 18.80 21.87
N ILE B 246 -11.34 18.46 20.67
CA ILE B 246 -12.23 18.14 19.58
C ILE B 246 -13.16 17.02 20.02
N LEU B 247 -12.62 15.97 20.64
CA LEU B 247 -13.47 14.87 21.09
C LEU B 247 -14.50 15.32 22.11
N LYS B 248 -14.12 16.24 23.00
CA LYS B 248 -15.03 16.74 24.03
C LYS B 248 -16.12 17.62 23.42
N GLU B 249 -15.71 18.39 22.43
CA GLU B 249 -16.60 19.29 21.73
C GLU B 249 -17.54 18.51 20.82
N ASP B 250 -17.27 17.22 20.64
CA ASP B 250 -18.12 16.39 19.80
C ASP B 250 -19.03 15.50 20.64
N GLY B 251 -18.92 15.61 21.96
CA GLY B 251 -19.74 14.80 22.83
C GLY B 251 -19.14 13.45 23.11
N TYR B 252 -17.85 13.30 22.82
CA TYR B 252 -17.15 12.04 23.04
C TYR B 252 -15.86 12.31 23.80
N PRO B 253 -15.95 12.88 25.01
CA PRO B 253 -14.77 13.18 25.81
C PRO B 253 -13.94 11.93 26.14
N VAL B 254 -12.64 11.98 25.87
CA VAL B 254 -11.78 10.85 26.17
C VAL B 254 -11.22 11.02 27.57
N GLY B 255 -11.35 12.22 28.09
CA GLY B 255 -10.87 12.51 29.43
C GLY B 255 -9.45 12.06 29.70
N THR B 256 -9.26 11.32 30.78
CA THR B 256 -7.92 10.89 31.15
C THR B 256 -7.55 9.51 30.58
N LYS B 257 -8.40 8.98 29.71
CA LYS B 257 -8.14 7.69 29.12
C LYS B 257 -7.25 7.80 27.90
N HIS B 258 -6.90 9.02 27.54
CA HIS B 258 -6.05 9.23 26.40
C HIS B 258 -4.56 9.35 26.72
N ASP B 259 -3.73 8.94 25.76
CA ASP B 259 -2.29 9.04 25.89
C ASP B 259 -1.70 8.94 24.50
N ASP B 260 -0.43 9.32 24.35
CA ASP B 260 0.21 9.28 23.05
C ASP B 260 1.58 8.62 23.08
N CYS B 261 1.86 7.77 22.10
CA CYS B 261 3.14 7.07 22.01
C CYS B 261 4.33 8.01 21.98
N GLY B 262 4.16 9.15 21.31
CA GLY B 262 5.23 10.11 21.21
C GLY B 262 5.57 10.75 22.54
N LEU B 263 4.67 10.60 23.51
CA LEU B 263 4.89 11.14 24.83
C LEU B 263 5.41 10.04 25.75
N LEU B 264 5.26 8.80 25.33
CA LEU B 264 5.71 7.67 26.15
C LEU B 264 7.07 7.13 25.75
N ILE B 265 7.43 7.29 24.48
CA ILE B 265 8.71 6.80 23.94
C ILE B 265 9.94 7.50 24.54
N TYR B 266 9.85 8.81 24.75
CA TYR B 266 10.96 9.57 25.31
C TYR B 266 10.57 10.32 26.57
N THR B 267 11.56 10.92 27.21
CA THR B 267 11.36 11.71 28.43
C THR B 267 11.76 13.16 28.15
N PRO B 268 11.01 14.12 28.69
CA PRO B 268 11.34 15.52 28.47
C PRO B 268 12.68 15.87 29.11
N ASP B 269 13.74 15.31 28.56
CA ASP B 269 15.09 15.53 29.06
C ASP B 269 16.05 15.05 28.00
N GLN B 270 15.48 14.38 26.99
CA GLN B 270 16.26 13.84 25.89
C GLN B 270 16.18 14.77 24.68
N GLN B 271 15.83 16.02 24.95
CA GLN B 271 15.69 17.04 23.91
C GLN B 271 15.04 16.49 22.63
N VAL B 272 13.75 16.19 22.73
CA VAL B 272 12.98 15.66 21.61
C VAL B 272 11.80 16.58 21.27
N PHE B 273 11.98 17.86 21.58
CA PHE B 273 10.96 18.87 21.32
C PHE B 273 9.56 18.48 21.80
N ALA B 274 8.58 18.49 20.90
CA ALA B 274 7.20 18.17 21.24
C ALA B 274 6.97 16.71 21.63
N GLY B 275 7.74 15.80 21.01
CA GLY B 275 7.59 14.38 21.29
C GLY B 275 8.05 13.52 20.12
N GLY B 276 7.83 12.22 20.19
CA GLY B 276 8.27 11.35 19.11
C GLY B 276 7.33 11.24 17.92
N SER B 277 7.88 10.79 16.80
CA SER B 277 7.11 10.63 15.58
C SER B 277 7.66 9.51 14.74
N GLY B 278 7.05 9.31 13.58
CA GLY B 278 7.51 8.26 12.68
C GLY B 278 6.72 6.98 12.76
N CYS B 279 6.76 6.22 11.67
CA CYS B 279 6.05 4.96 11.59
C CYS B 279 6.37 4.07 12.78
N ALA B 280 7.65 4.03 13.15
CA ALA B 280 8.10 3.18 14.25
C ALA B 280 7.63 3.64 15.62
N CYS B 281 7.22 4.90 15.73
CA CYS B 281 6.77 5.42 17.01
C CYS B 281 5.62 4.63 17.62
N SER B 282 4.47 4.61 16.94
CA SER B 282 3.32 3.86 17.45
C SER B 282 3.61 2.36 17.54
N ALA B 283 4.30 1.82 16.53
CA ALA B 283 4.62 0.39 16.51
C ALA B 283 5.46 -0.08 17.70
N VAL B 284 6.66 0.46 17.89
CA VAL B 284 7.47 -0.01 19.01
C VAL B 284 6.82 0.20 20.39
N VAL B 285 6.07 1.28 20.57
CA VAL B 285 5.43 1.49 21.86
C VAL B 285 4.31 0.49 22.11
N THR B 286 3.52 0.20 21.08
CA THR B 286 2.41 -0.72 21.21
C THR B 286 2.84 -2.18 21.34
N TYR B 287 3.70 -2.62 20.43
CA TYR B 287 4.15 -3.99 20.44
C TYR B 287 5.00 -4.38 21.64
N SER B 288 5.43 -3.42 22.45
CA SER B 288 6.22 -3.80 23.61
C SER B 288 5.57 -3.44 24.93
N HIS B 289 5.24 -2.17 25.10
CA HIS B 289 4.68 -1.68 26.35
C HIS B 289 3.19 -1.91 26.62
N ILE B 290 2.39 -1.76 25.58
CA ILE B 290 0.93 -1.85 25.63
C ILE B 290 0.47 -3.29 25.42
N PHE B 291 1.29 -4.08 24.75
CA PHE B 291 0.99 -5.50 24.60
C PHE B 291 1.29 -6.09 25.99
N LYS B 292 2.40 -5.65 26.58
CA LYS B 292 2.78 -6.12 27.91
C LYS B 292 1.76 -5.75 28.97
N GLN B 293 1.32 -4.50 28.99
CA GLN B 293 0.32 -4.05 29.97
C GLN B 293 -0.89 -4.98 29.86
N LEU B 294 -1.26 -5.31 28.63
CA LEU B 294 -2.42 -6.17 28.37
C LEU B 294 -2.18 -7.59 28.83
N ARG B 295 -0.96 -8.10 28.64
CA ARG B 295 -0.67 -9.46 29.08
C ARG B 295 -0.66 -9.53 30.59
N GLU B 296 -0.05 -8.52 31.24
CA GLU B 296 0.03 -8.49 32.69
C GLU B 296 -1.33 -8.25 33.34
N GLY B 297 -2.28 -7.71 32.58
CA GLY B 297 -3.59 -7.45 33.13
C GLY B 297 -3.80 -6.01 33.52
N LYS B 298 -2.77 -5.18 33.38
CA LYS B 298 -2.91 -3.78 33.73
C LYS B 298 -3.90 -3.07 32.81
N LEU B 299 -4.20 -3.70 31.68
CA LEU B 299 -5.15 -3.16 30.71
C LEU B 299 -6.04 -4.30 30.22
N ASN B 300 -7.17 -3.95 29.64
CA ASN B 300 -8.06 -4.98 29.13
C ASN B 300 -8.44 -4.73 27.69
N ARG B 301 -8.80 -3.48 27.39
CA ARG B 301 -9.20 -3.14 26.04
C ARG B 301 -8.59 -1.80 25.67
N VAL B 302 -7.80 -1.79 24.61
CA VAL B 302 -7.16 -0.57 24.19
C VAL B 302 -7.45 -0.27 22.72
N PHE B 303 -7.50 1.01 22.39
CA PHE B 303 -7.78 1.44 21.02
C PHE B 303 -6.55 2.23 20.57
N VAL B 304 -5.81 1.66 19.62
CA VAL B 304 -4.60 2.29 19.10
C VAL B 304 -4.86 2.97 17.78
N VAL B 305 -4.57 4.27 17.72
CA VAL B 305 -4.82 5.02 16.50
C VAL B 305 -3.54 5.66 15.97
N ALA B 306 -3.00 5.09 14.89
CA ALA B 306 -1.80 5.62 14.28
C ALA B 306 -2.21 6.73 13.31
N THR B 307 -1.54 7.86 13.41
CA THR B 307 -1.85 9.01 12.57
C THR B 307 -0.72 9.33 11.60
N GLY B 308 -1.07 9.84 10.44
CA GLY B 308 -0.04 10.15 9.46
C GLY B 308 -0.30 11.44 8.70
N ALA B 309 0.77 12.09 8.29
CA ALA B 309 0.67 13.33 7.53
C ALA B 309 1.20 13.04 6.13
N LEU B 310 0.37 13.32 5.14
CA LEU B 310 0.73 13.05 3.76
C LEU B 310 1.24 14.32 3.06
N LEU B 311 2.37 14.86 3.52
CA LEU B 311 2.90 16.08 2.93
C LEU B 311 4.30 15.98 2.32
N SER B 312 4.40 16.44 1.07
CA SER B 312 5.66 16.41 0.32
C SER B 312 6.13 17.84 0.06
N PRO B 313 7.44 18.01 -0.13
CA PRO B 313 7.98 19.35 -0.40
C PRO B 313 7.42 19.96 -1.67
N THR B 314 7.32 19.14 -2.73
CA THR B 314 6.80 19.63 -4.00
C THR B 314 5.37 20.15 -3.92
N MSE B 315 4.56 19.53 -3.07
CA MSE B 315 3.18 19.95 -2.90
C MSE B 315 3.07 21.25 -2.11
O MSE B 315 2.29 22.12 -2.46
CB MSE B 315 2.38 18.87 -2.18
CG MSE B 315 1.97 17.69 -3.05
SE MSE B 315 0.71 18.17 -4.48
CE MSE B 315 1.99 18.54 -5.89
N ILE B 316 3.87 21.39 -1.06
CA ILE B 316 3.84 22.60 -0.25
C ILE B 316 4.36 23.78 -1.10
N GLN B 317 5.11 23.44 -2.14
CA GLN B 317 5.68 24.42 -3.07
C GLN B 317 4.60 25.02 -3.95
N GLN B 318 3.48 24.31 -4.09
CA GLN B 318 2.39 24.79 -4.92
C GLN B 318 1.21 25.27 -4.08
N LYS B 319 1.52 25.80 -2.90
CA LYS B 319 0.53 26.32 -1.96
C LYS B 319 -0.59 25.34 -1.65
N GLU B 320 -0.27 24.05 -1.60
CA GLU B 320 -1.29 23.05 -1.30
C GLU B 320 -1.35 22.83 0.21
N THR B 321 -2.45 22.25 0.69
CA THR B 321 -2.57 22.00 2.13
C THR B 321 -2.01 20.63 2.54
N ILE B 322 -2.08 20.35 3.84
CA ILE B 322 -1.55 19.11 4.37
C ILE B 322 -2.61 18.10 4.80
N PRO B 323 -2.90 17.13 3.92
CA PRO B 323 -3.90 16.09 4.21
C PRO B 323 -3.36 15.08 5.22
N THR B 324 -4.24 14.62 6.09
CA THR B 324 -3.82 13.70 7.12
C THR B 324 -4.82 12.54 7.25
N ILE B 325 -4.41 11.47 7.91
CA ILE B 325 -5.29 10.33 8.07
C ILE B 325 -4.95 9.57 9.34
N ALA B 326 -5.91 8.81 9.86
CA ALA B 326 -5.72 8.05 11.08
C ALA B 326 -6.40 6.69 10.98
N HIS B 327 -5.71 5.63 11.36
CA HIS B 327 -6.29 4.30 11.33
C HIS B 327 -6.24 3.71 12.73
N GLY B 328 -7.30 3.02 13.13
CA GLY B 328 -7.35 2.43 14.45
C GLY B 328 -7.64 0.95 14.57
N VAL B 329 -7.08 0.34 15.61
CA VAL B 329 -7.26 -1.09 15.86
C VAL B 329 -7.50 -1.32 17.34
N VAL B 330 -8.42 -2.22 17.66
CA VAL B 330 -8.72 -2.51 19.04
C VAL B 330 -8.02 -3.81 19.46
N PHE B 331 -7.09 -3.69 20.40
CA PHE B 331 -6.36 -4.85 20.94
C PHE B 331 -7.02 -5.19 22.29
N GLU B 332 -7.29 -6.47 22.50
CA GLU B 332 -7.92 -6.94 23.72
C GLU B 332 -7.20 -8.13 24.35
N ARG B 333 -7.02 -8.06 25.67
CA ARG B 333 -6.39 -9.13 26.44
C ARG B 333 -7.32 -10.33 26.28
N ALA B 334 -6.96 -11.27 25.42
CA ALA B 334 -7.81 -12.45 25.19
C ALA B 334 -7.81 -13.35 26.41
#